data_5D8A
#
_entry.id   5D8A
#
_cell.length_a   327.570
_cell.length_b   341.290
_cell.length_c   363.580
_cell.angle_alpha   90.000
_cell.angle_beta   90.000
_cell.angle_gamma   90.000
#
_symmetry.space_group_name_H-M   'I 2 2 2'
#
loop_
_entity.id
_entity.type
_entity.pdbx_description
1 polymer VP1
2 polymer VP2
3 polymer VP3
4 polymer VP4
5 water water
#
loop_
_entity_poly.entity_id
_entity_poly.type
_entity_poly.pdbx_seq_one_letter_code
_entity_poly.pdbx_strand_id
1 'polypeptide(L)'
;TTTTGESADPVTTTVENYGGETQVQRRQHTDVTFIMDRFVKIQNLNPTHVIDLMQTHQHGLVGALLRAATYYFSDLEIVV
RHDGNLTWVPNGAPEAALSNTGNPTAYLKAPFTRLALPYTAPHRVLATVYNGTSKYSAGGTGRRGDLGPLAARVAAQLPA
SFNFGAIQATTIHELLVRMKRAELYCPRPLLAVEVSSQDRHKQKIIAPAKQ
;
A
2 'polypeptide(L)'
;DKKTEETTLLEDRILTTRNGHTTSTTQSSVGVTYGYSTQEDHVSGPNTSGLETRVVQAERFFKKHLFDWTPDKAFGHLEK
LELPTDHKGVYGFLVDSFAYMRNGWDVEVSAVGNQFNGGCLLVAMVPEWKEFTPREKYQLTLFPHQFISPRTNMTAHIVV
PYLGVNRYDQYKKHKPWTLVVMVVSPLTTNTVSAGQIKVYANIAPTHVHVAGELPSKE
;
B
3 'polypeptide(L)'
;GIVPVACSDGYGGLVTTDPKTADPVYGMVYNPPRTNYPGRFTNLLDVAEACPTFLCFDEGKPYVVTRTDEQRLLAKFDVS
LAAKHMSNTYLSGIAQYYAQYSGTINLHFMFTGSTDSKARYMVAYVPPGVETPPDTPEKAAHCIHAEWDTGLNSKFTFSI
PYVSAADYAYTASDVAETTNVQGWVCIYQITHGKAEQDTLVVSVSAGKDFELRLPIDPRSQ
;
C
4 'polypeptide(L)'
;GAGQSSPATGSQNQSGNTGSIINNYYMQQYQNSMDTQLGDNAISGGSNEGSTDTTSTHTTNTQNNDWFSKLASSAFSGLF
GALLA
;
D
#
# COMPACT_ATOMS: atom_id res chain seq x y z
N THR A 1 -12.93 -23.01 -32.78
CA THR A 1 -13.74 -22.95 -31.50
C THR A 1 -14.78 -21.85 -31.55
N THR A 2 -16.01 -22.22 -31.24
CA THR A 2 -17.09 -21.25 -31.20
C THR A 2 -17.48 -21.09 -29.72
N THR A 3 -17.60 -19.86 -29.24
CA THR A 3 -17.97 -19.57 -27.85
C THR A 3 -18.78 -18.27 -27.75
N THR A 4 -19.22 -17.97 -26.53
CA THR A 4 -19.97 -16.75 -26.21
C THR A 4 -18.92 -15.69 -25.93
N GLY A 5 -18.69 -14.79 -26.87
CA GLY A 5 -17.69 -13.78 -26.64
C GLY A 5 -17.89 -12.81 -25.49
N GLU A 6 -19.15 -12.42 -25.24
CA GLU A 6 -19.46 -11.43 -24.22
C GLU A 6 -19.08 -11.75 -22.79
N SER A 7 -19.04 -13.04 -22.45
CA SER A 7 -18.71 -13.43 -21.08
C SER A 7 -17.23 -13.22 -20.72
N ALA A 8 -16.38 -13.04 -21.73
CA ALA A 8 -14.93 -12.80 -21.58
C ALA A 8 -14.14 -13.93 -20.90
N ASP A 9 -14.67 -15.15 -21.01
CA ASP A 9 -14.04 -16.37 -20.48
C ASP A 9 -12.86 -16.65 -21.40
N PRO A 10 -11.67 -16.90 -20.86
CA PRO A 10 -10.53 -17.18 -21.74
C PRO A 10 -10.79 -18.40 -22.64
N VAL A 11 -10.37 -18.31 -23.91
CA VAL A 11 -10.53 -19.42 -24.81
C VAL A 11 -9.22 -19.55 -25.59
N THR A 12 -8.56 -20.69 -25.44
CA THR A 12 -7.30 -20.94 -26.14
C THR A 12 -7.47 -22.13 -27.11
N THR A 13 -7.71 -21.82 -28.38
CA THR A 13 -7.88 -22.85 -29.38
C THR A 13 -6.48 -23.34 -29.80
N THR A 14 -6.41 -24.49 -30.46
CA THR A 14 -5.13 -25.05 -30.88
C THR A 14 -5.14 -25.48 -32.35
N VAL A 15 -3.96 -25.75 -32.89
CA VAL A 15 -3.87 -26.20 -34.28
C VAL A 15 -4.47 -27.58 -34.48
N GLU A 16 -4.68 -28.32 -33.40
CA GLU A 16 -5.29 -29.64 -33.51
C GLU A 16 -6.68 -29.58 -34.16
N ASN A 17 -7.36 -28.43 -34.05
CA ASN A 17 -8.69 -28.25 -34.63
C ASN A 17 -8.70 -28.54 -36.12
N TYR A 18 -7.61 -28.24 -36.81
CA TYR A 18 -7.53 -28.54 -38.23
C TYR A 18 -6.41 -29.52 -38.57
N GLY A 19 -6.06 -30.38 -37.61
CA GLY A 19 -5.09 -31.43 -37.84
C GLY A 19 -3.64 -31.22 -37.57
N GLY A 20 -3.32 -30.11 -36.93
CA GLY A 20 -1.94 -29.84 -36.62
C GLY A 20 -1.65 -30.43 -35.27
N GLU A 21 -0.47 -30.16 -34.77
CA GLU A 21 -0.08 -30.66 -33.48
C GLU A 21 0.65 -29.61 -32.66
N THR A 22 0.13 -29.36 -31.46
CA THR A 22 0.71 -28.36 -30.58
C THR A 22 2.05 -28.86 -30.06
N GLN A 23 3.03 -27.97 -30.09
CA GLN A 23 4.37 -28.30 -29.65
C GLN A 23 4.68 -27.98 -28.19
N VAL A 24 5.90 -28.32 -27.81
CA VAL A 24 6.44 -28.12 -26.48
C VAL A 24 6.90 -26.68 -26.37
N GLN A 25 6.64 -26.01 -25.24
CA GLN A 25 7.14 -24.66 -25.12
C GLN A 25 7.99 -24.46 -23.87
N ARG A 26 8.99 -23.60 -23.98
CA ARG A 26 9.89 -23.31 -22.87
C ARG A 26 9.81 -21.82 -22.58
N ARG A 27 9.19 -21.48 -21.47
CA ARG A 27 8.96 -20.08 -21.16
C ARG A 27 9.78 -19.43 -20.06
N GLN A 28 10.98 -19.92 -19.80
CA GLN A 28 11.80 -19.34 -18.73
C GLN A 28 12.08 -17.88 -18.96
N HIS A 29 12.27 -17.47 -20.22
CA HIS A 29 12.60 -16.09 -20.51
C HIS A 29 11.50 -15.09 -20.26
N THR A 30 10.26 -15.56 -20.13
CA THR A 30 9.15 -14.66 -19.83
C THR A 30 8.70 -14.84 -18.37
N ASP A 31 9.53 -15.51 -17.58
CA ASP A 31 9.27 -15.66 -16.16
C ASP A 31 9.51 -14.27 -15.54
N VAL A 32 8.59 -13.81 -14.71
CA VAL A 32 8.68 -12.48 -14.13
C VAL A 32 9.91 -12.18 -13.29
N THR A 33 10.24 -13.08 -12.37
CA THR A 33 11.40 -12.85 -11.52
C THR A 33 12.67 -12.78 -12.35
N PHE A 34 12.76 -13.66 -13.33
CA PHE A 34 13.91 -13.71 -14.20
C PHE A 34 14.09 -12.47 -15.07
N ILE A 35 13.03 -12.07 -15.77
CA ILE A 35 13.14 -10.95 -16.67
C ILE A 35 13.47 -9.63 -15.97
N MET A 36 12.93 -9.41 -14.77
CA MET A 36 13.21 -8.15 -14.05
C MET A 36 14.58 -8.14 -13.38
N ASP A 37 15.22 -9.30 -13.29
CA ASP A 37 16.49 -9.44 -12.60
C ASP A 37 17.71 -9.12 -13.45
N ARG A 38 17.89 -7.84 -13.74
CA ARG A 38 19.03 -7.33 -14.50
C ARG A 38 19.12 -5.82 -14.22
N PHE A 39 20.31 -5.26 -14.28
CA PHE A 39 20.53 -3.84 -14.02
C PHE A 39 20.05 -2.92 -15.17
N VAL A 40 19.42 -1.81 -14.81
CA VAL A 40 19.00 -0.80 -15.78
C VAL A 40 19.42 0.54 -15.21
N LYS A 41 19.63 1.55 -16.08
CA LYS A 41 20.06 2.89 -15.68
C LYS A 41 18.98 3.76 -15.09
N ILE A 42 19.35 4.69 -14.19
CA ILE A 42 18.36 5.60 -13.63
C ILE A 42 18.39 6.93 -14.35
N GLN A 43 19.57 7.44 -14.68
CA GLN A 43 19.59 8.70 -15.50
C GLN A 43 19.41 10.13 -14.92
N ASN A 44 18.29 10.44 -14.28
CA ASN A 44 18.20 11.80 -13.69
C ASN A 44 18.79 11.78 -12.29
N LEU A 45 20.03 12.22 -12.15
CA LEU A 45 20.70 12.15 -10.85
C LEU A 45 21.10 13.47 -10.22
N ASN A 46 21.25 13.47 -8.91
CA ASN A 46 21.70 14.63 -8.13
C ASN A 46 22.53 13.99 -7.06
N PRO A 47 23.36 14.79 -6.38
CA PRO A 47 24.23 14.29 -5.30
C PRO A 47 23.42 13.66 -4.17
N THR A 48 22.17 14.10 -4.04
CA THR A 48 21.24 13.52 -3.07
C THR A 48 20.15 12.95 -3.95
N HIS A 49 19.93 11.65 -3.85
CA HIS A 49 19.01 10.98 -4.71
C HIS A 49 18.15 9.92 -4.02
N VAL A 50 16.84 10.08 -4.14
CA VAL A 50 15.90 9.13 -3.56
C VAL A 50 15.66 8.02 -4.60
N ILE A 51 15.89 6.78 -4.22
CA ILE A 51 15.71 5.64 -5.12
C ILE A 51 14.23 5.33 -5.35
N ASP A 52 13.81 5.59 -6.57
CA ASP A 52 12.43 5.42 -7.00
C ASP A 52 12.46 4.69 -8.34
N LEU A 53 11.96 3.46 -8.39
CA LEU A 53 11.99 2.68 -9.61
C LEU A 53 11.22 3.32 -10.77
N MET A 54 10.38 4.28 -10.45
CA MET A 54 9.63 4.94 -11.50
C MET A 54 10.54 5.92 -12.24
N GLN A 55 11.80 6.03 -11.85
CA GLN A 55 12.68 6.88 -12.61
C GLN A 55 13.40 6.07 -13.69
N THR A 56 13.03 4.80 -13.85
CA THR A 56 13.60 4.02 -14.95
C THR A 56 12.91 4.57 -16.20
N HIS A 57 13.53 4.37 -17.36
CA HIS A 57 12.95 4.84 -18.62
C HIS A 57 11.73 4.00 -18.93
N GLN A 58 10.66 4.69 -19.30
CA GLN A 58 9.39 4.05 -19.56
C GLN A 58 9.34 3.08 -20.74
N HIS A 59 10.33 3.16 -21.64
CA HIS A 59 10.38 2.25 -22.76
C HIS A 59 11.48 1.23 -22.61
N GLY A 60 12.25 1.34 -21.53
CA GLY A 60 13.31 0.40 -21.26
C GLY A 60 12.71 -0.96 -20.90
N LEU A 61 13.47 -2.02 -21.09
CA LEU A 61 12.98 -3.35 -20.81
C LEU A 61 12.39 -3.46 -19.41
N VAL A 62 13.13 -3.05 -18.39
CA VAL A 62 12.62 -3.14 -17.03
C VAL A 62 11.58 -2.06 -16.72
N GLY A 63 11.85 -0.84 -17.14
CA GLY A 63 10.91 0.23 -16.88
C GLY A 63 9.53 0.02 -17.48
N ALA A 64 9.48 -0.56 -18.68
CA ALA A 64 8.21 -0.81 -19.36
C ALA A 64 7.46 -1.98 -18.75
N LEU A 65 8.17 -3.05 -18.41
CA LEU A 65 7.51 -4.20 -17.81
C LEU A 65 7.00 -3.82 -16.42
N LEU A 66 7.76 -3.01 -15.70
CA LEU A 66 7.32 -2.55 -14.38
C LEU A 66 6.02 -1.74 -14.48
N ARG A 67 5.96 -0.82 -15.44
CA ARG A 67 4.75 0.00 -15.63
C ARG A 67 3.59 -0.82 -16.18
N ALA A 68 3.87 -2.03 -16.61
CA ALA A 68 2.82 -2.91 -17.11
C ALA A 68 2.22 -3.73 -15.93
N ALA A 69 2.49 -3.29 -14.72
CA ALA A 69 1.95 -3.92 -13.53
C ALA A 69 1.44 -2.79 -12.63
N THR A 70 0.45 -3.07 -11.80
CA THR A 70 -0.06 -2.02 -10.91
C THR A 70 0.70 -2.02 -9.60
N TYR A 71 0.87 -3.22 -9.02
CA TYR A 71 1.56 -3.35 -7.74
C TYR A 71 2.76 -4.25 -7.88
N TYR A 72 3.74 -4.05 -7.03
CA TYR A 72 4.92 -4.89 -7.11
C TYR A 72 5.66 -4.94 -5.80
N PHE A 73 6.54 -5.91 -5.69
CA PHE A 73 7.39 -6.04 -4.53
C PHE A 73 8.73 -6.56 -5.01
N SER A 74 9.80 -6.12 -4.36
CA SER A 74 11.13 -6.64 -4.65
C SER A 74 12.17 -6.11 -3.71
N ASP A 75 13.30 -6.81 -3.66
CA ASP A 75 14.45 -6.33 -2.91
C ASP A 75 15.26 -5.61 -4.01
N LEU A 76 16.43 -5.10 -3.69
CA LEU A 76 17.16 -4.36 -4.70
C LEU A 76 18.68 -4.45 -4.63
N GLU A 77 19.32 -4.30 -5.78
CA GLU A 77 20.77 -4.22 -5.81
C GLU A 77 21.01 -2.91 -6.52
N ILE A 78 22.05 -2.19 -6.15
CA ILE A 78 22.36 -0.97 -6.87
C ILE A 78 23.85 -0.92 -7.17
N VAL A 79 24.20 -0.23 -8.25
CA VAL A 79 25.59 -0.03 -8.59
C VAL A 79 25.67 1.49 -8.71
N VAL A 80 26.58 2.10 -7.97
CA VAL A 80 26.72 3.56 -7.99
C VAL A 80 28.15 4.00 -8.26
N ARG A 81 28.31 4.91 -9.22
CA ARG A 81 29.64 5.47 -9.51
C ARG A 81 29.57 6.85 -8.88
N HIS A 82 30.39 7.05 -7.86
CA HIS A 82 30.37 8.29 -7.13
C HIS A 82 31.74 8.84 -6.72
N ASP A 83 31.78 10.14 -6.42
CA ASP A 83 32.99 10.76 -5.89
C ASP A 83 32.64 10.87 -4.43
N GLY A 84 33.63 10.71 -3.57
CA GLY A 84 33.36 10.80 -2.14
C GLY A 84 32.76 9.52 -1.62
N ASN A 85 32.35 9.53 -0.37
CA ASN A 85 31.76 8.36 0.22
C ASN A 85 30.26 8.36 -0.03
N LEU A 86 29.71 7.15 -0.15
CA LEU A 86 28.31 6.97 -0.43
C LEU A 86 27.53 6.54 0.80
N THR A 87 26.49 7.27 1.11
CA THR A 87 25.66 6.93 2.25
C THR A 87 24.26 6.61 1.79
N TRP A 88 23.65 5.62 2.43
CA TRP A 88 22.30 5.22 2.11
C TRP A 88 21.48 5.21 3.40
N VAL A 89 20.23 5.64 3.31
CA VAL A 89 19.31 5.62 4.44
C VAL A 89 18.03 4.97 3.97
N PRO A 90 17.34 4.26 4.86
CA PRO A 90 16.09 3.60 4.53
C PRO A 90 14.90 4.53 4.31
N ASN A 91 13.85 3.97 3.76
CA ASN A 91 12.59 4.65 3.51
C ASN A 91 12.12 5.28 4.82
N GLY A 92 11.77 6.56 4.82
CA GLY A 92 11.31 7.17 6.05
C GLY A 92 12.32 8.01 6.81
N ALA A 93 13.59 7.88 6.45
CA ALA A 93 14.61 8.66 7.14
C ALA A 93 14.57 10.13 6.77
N PRO A 94 14.98 10.99 7.69
CA PRO A 94 15.04 12.44 7.51
C PRO A 94 16.21 12.63 6.55
N GLU A 95 16.03 13.50 5.57
CA GLU A 95 17.08 13.78 4.59
C GLU A 95 18.41 14.10 5.26
N ALA A 96 18.32 14.77 6.40
CA ALA A 96 19.49 15.14 7.18
C ALA A 96 20.40 13.98 7.56
N ALA A 97 19.82 12.80 7.70
CA ALA A 97 20.60 11.63 8.08
C ALA A 97 21.67 11.26 7.07
N LEU A 98 21.50 11.66 5.81
CA LEU A 98 22.45 11.30 4.77
C LEU A 98 23.88 11.77 5.01
N SER A 99 24.03 12.70 5.94
CA SER A 99 25.33 13.24 6.26
C SER A 99 26.08 12.46 7.30
N ASN A 100 25.46 11.46 7.91
CA ASN A 100 26.15 10.74 8.96
C ASN A 100 26.60 9.36 8.63
N THR A 101 27.77 9.05 9.15
CA THR A 101 28.48 7.79 8.99
C THR A 101 27.84 6.58 9.67
N GLY A 102 26.95 6.80 10.63
CA GLY A 102 26.32 5.69 11.33
C GLY A 102 25.35 4.92 10.45
N ASN A 103 24.97 5.55 9.34
CA ASN A 103 24.09 4.94 8.33
C ASN A 103 25.02 4.20 7.37
N PRO A 104 24.54 3.15 6.72
CA PRO A 104 25.39 2.41 5.78
C PRO A 104 26.16 3.37 4.88
N THR A 105 27.47 3.40 5.07
CA THR A 105 28.31 4.27 4.29
C THR A 105 29.41 3.44 3.67
N ALA A 106 29.53 3.56 2.36
CA ALA A 106 30.50 2.83 1.57
C ALA A 106 31.64 3.74 1.22
N TYR A 107 32.85 3.40 1.63
CA TYR A 107 34.03 4.19 1.31
C TYR A 107 34.44 3.92 -0.12
N LEU A 108 34.73 4.98 -0.86
CA LEU A 108 35.12 4.89 -2.25
C LEU A 108 36.14 3.78 -2.57
N LYS A 109 35.83 2.94 -3.54
CA LYS A 109 36.74 1.89 -4.02
C LYS A 109 36.43 1.80 -5.50
N ALA A 110 37.38 2.20 -6.33
CA ALA A 110 37.18 2.19 -7.77
C ALA A 110 36.85 0.79 -8.26
N PRO A 111 36.05 0.69 -9.32
CA PRO A 111 35.46 1.79 -10.10
C PRO A 111 34.09 2.30 -9.65
N PHE A 112 33.44 1.55 -8.77
CA PHE A 112 32.11 1.93 -8.30
C PHE A 112 31.69 1.02 -7.17
N THR A 113 30.56 1.31 -6.58
CA THR A 113 30.06 0.53 -5.45
C THR A 113 28.81 -0.28 -5.80
N ARG A 114 28.82 -1.57 -5.50
CA ARG A 114 27.64 -2.41 -5.75
C ARG A 114 27.15 -2.87 -4.36
N LEU A 115 25.86 -2.72 -4.08
CA LEU A 115 25.28 -3.08 -2.79
C LEU A 115 23.95 -3.78 -2.95
N ALA A 116 23.63 -4.65 -1.99
CA ALA A 116 22.36 -5.36 -1.96
C ALA A 116 21.55 -4.64 -0.85
N LEU A 117 20.34 -4.21 -1.18
CA LEU A 117 19.49 -3.49 -0.24
C LEU A 117 18.15 -4.15 -0.07
N PRO A 118 17.61 -4.12 1.15
CA PRO A 118 16.30 -4.76 1.30
C PRO A 118 15.19 -3.76 1.05
N TYR A 119 14.00 -4.26 0.80
CA TYR A 119 12.82 -3.45 0.63
C TYR A 119 12.59 -2.78 2.01
N THR A 120 12.32 -1.48 2.07
CA THR A 120 12.10 -0.85 3.37
C THR A 120 10.81 -0.03 3.47
N ALA A 121 9.92 -0.13 2.48
CA ALA A 121 8.68 0.65 2.52
C ALA A 121 7.77 0.15 3.64
N PRO A 122 6.88 1.02 4.12
CA PRO A 122 5.96 0.65 5.19
C PRO A 122 4.70 -0.03 4.68
N HIS A 123 4.58 -0.12 3.36
CA HIS A 123 3.44 -0.76 2.70
C HIS A 123 3.77 -2.21 2.34
N ARG A 124 2.76 -3.06 2.25
CA ARG A 124 2.99 -4.47 1.93
C ARG A 124 3.45 -4.65 0.49
N VAL A 125 3.05 -3.74 -0.39
CA VAL A 125 3.50 -3.70 -1.79
C VAL A 125 3.54 -2.25 -2.22
N LEU A 126 4.21 -1.94 -3.33
CA LEU A 126 4.24 -0.57 -3.83
C LEU A 126 3.40 -0.53 -5.11
N ALA A 127 3.14 0.66 -5.62
CA ALA A 127 2.35 0.76 -6.85
C ALA A 127 3.00 1.67 -7.87
N THR A 128 2.66 1.45 -9.13
CA THR A 128 3.23 2.26 -10.21
C THR A 128 2.29 3.39 -10.57
N VAL A 129 1.07 3.33 -10.06
CA VAL A 129 0.03 4.32 -10.30
C VAL A 129 -0.74 4.36 -9.00
N TYR A 130 -1.22 5.53 -8.59
CA TYR A 130 -1.96 5.59 -7.33
C TYR A 130 -3.06 6.62 -7.49
N ASN A 131 -4.30 6.18 -7.46
CA ASN A 131 -5.40 7.11 -7.67
C ASN A 131 -5.87 7.87 -6.45
N GLY A 132 -5.07 8.83 -6.01
CA GLY A 132 -5.42 9.64 -4.85
C GLY A 132 -4.24 10.49 -4.37
N THR A 133 -4.39 11.08 -3.20
CA THR A 133 -3.36 11.92 -2.59
C THR A 133 -2.86 11.28 -1.30
N SER A 134 -1.72 11.73 -0.79
CA SER A 134 -1.22 11.18 0.46
C SER A 134 -1.04 12.32 1.47
N LYS A 135 -1.21 13.54 0.99
CA LYS A 135 -1.06 14.74 1.81
C LYS A 135 -2.35 15.19 2.52
N ALA A 156 -0.88 12.80 -12.16
CA ALA A 156 -0.70 12.69 -10.71
C ALA A 156 0.69 12.12 -10.33
N GLN A 157 1.07 12.35 -9.07
CA GLN A 157 2.34 11.87 -8.54
C GLN A 157 2.08 10.68 -7.61
N LEU A 158 3.17 10.02 -7.26
CA LEU A 158 3.03 8.90 -6.37
C LEU A 158 3.33 9.38 -4.97
N PRO A 159 2.80 8.68 -3.95
CA PRO A 159 3.04 9.03 -2.56
C PRO A 159 4.55 9.01 -2.27
N ALA A 160 5.01 9.89 -1.39
CA ALA A 160 6.42 9.99 -1.05
C ALA A 160 6.99 8.72 -0.46
N SER A 161 6.15 7.93 0.20
CA SER A 161 6.59 6.69 0.81
C SER A 161 6.88 5.57 -0.16
N PHE A 162 6.65 5.77 -1.45
CA PHE A 162 6.95 4.72 -2.44
C PHE A 162 8.41 4.89 -2.88
N ASN A 163 9.34 4.36 -2.09
CA ASN A 163 10.75 4.47 -2.45
C ASN A 163 11.57 3.39 -1.77
N PHE A 164 12.83 3.30 -2.18
CA PHE A 164 13.73 2.31 -1.62
C PHE A 164 14.84 2.98 -0.84
N GLY A 165 14.54 4.13 -0.26
CA GLY A 165 15.54 4.84 0.50
C GLY A 165 16.22 5.90 -0.34
N ALA A 166 17.32 6.46 0.16
CA ALA A 166 18.00 7.52 -0.55
C ALA A 166 19.50 7.36 -0.42
N ILE A 167 20.23 7.91 -1.38
CA ILE A 167 21.68 7.84 -1.33
C ILE A 167 22.27 9.22 -1.49
N GLN A 168 23.48 9.40 -0.98
CA GLN A 168 24.12 10.67 -1.13
C GLN A 168 25.62 10.50 -1.22
N ALA A 169 26.24 11.32 -2.05
CA ALA A 169 27.68 11.32 -2.22
C ALA A 169 28.01 12.71 -2.71
N THR A 170 29.30 13.03 -2.77
CA THR A 170 29.72 14.34 -3.25
C THR A 170 29.18 14.56 -4.65
N THR A 171 29.30 13.53 -5.47
CA THR A 171 28.80 13.57 -6.84
C THR A 171 28.38 12.16 -7.20
N ILE A 172 27.19 12.03 -7.78
CA ILE A 172 26.73 10.72 -8.23
C ILE A 172 26.71 10.75 -9.75
N HIS A 173 27.64 10.02 -10.35
CA HIS A 173 27.75 9.98 -11.79
C HIS A 173 26.84 9.00 -12.49
N GLU A 174 26.64 7.85 -11.90
CA GLU A 174 25.84 6.85 -12.54
C GLU A 174 25.18 5.99 -11.50
N LEU A 175 23.99 5.53 -11.81
CA LEU A 175 23.23 4.71 -10.90
C LEU A 175 22.50 3.62 -11.68
N LEU A 176 22.72 2.36 -11.31
CA LEU A 176 22.02 1.24 -11.95
C LEU A 176 21.23 0.53 -10.84
N VAL A 177 20.03 0.06 -11.15
CA VAL A 177 19.20 -0.64 -10.16
C VAL A 177 18.83 -2.01 -10.70
N ARG A 178 18.66 -2.96 -9.81
CA ARG A 178 18.30 -4.33 -10.20
C ARG A 178 17.28 -4.86 -9.22
N MET A 179 16.12 -5.24 -9.74
CA MET A 179 15.05 -5.79 -8.91
C MET A 179 15.31 -7.26 -8.59
N LYS A 180 15.32 -7.60 -7.31
CA LYS A 180 15.56 -8.96 -6.87
C LYS A 180 14.30 -9.59 -6.31
N ARG A 181 14.11 -10.85 -6.70
CA ARG A 181 12.97 -11.64 -6.33
C ARG A 181 11.66 -10.88 -6.47
N ALA A 182 11.51 -10.28 -7.65
CA ALA A 182 10.36 -9.47 -8.00
C ALA A 182 9.04 -10.18 -8.11
N GLU A 183 8.01 -9.48 -7.69
CA GLU A 183 6.65 -9.97 -7.76
C GLU A 183 5.84 -8.87 -8.42
N LEU A 184 5.03 -9.23 -9.41
CA LEU A 184 4.19 -8.26 -10.09
C LEU A 184 2.71 -8.66 -9.98
N TYR A 185 1.83 -7.66 -9.82
CA TYR A 185 0.39 -7.91 -9.68
C TYR A 185 -0.44 -6.96 -10.54
N CYS A 186 -1.53 -7.48 -11.12
CA CYS A 186 -2.47 -6.67 -11.93
C CYS A 186 -1.89 -5.98 -13.15
N PRO A 187 -1.80 -6.72 -14.27
CA PRO A 187 -1.28 -6.24 -15.55
C PRO A 187 -1.93 -4.97 -16.08
N ARG A 188 -1.14 -4.12 -16.72
CA ARG A 188 -1.64 -2.89 -17.32
C ARG A 188 -1.03 -2.87 -18.71
N PRO A 189 -1.58 -2.03 -19.60
CA PRO A 189 -1.12 -1.89 -21.00
C PRO A 189 0.39 -1.73 -21.17
N LEU A 190 0.90 -2.38 -22.22
CA LEU A 190 2.32 -2.35 -22.55
C LEU A 190 2.37 -2.16 -24.06
N LEU A 191 2.94 -1.05 -24.50
CA LEU A 191 2.96 -0.71 -25.93
C LEU A 191 4.25 -0.81 -26.71
N ALA A 192 4.14 -1.31 -27.93
CA ALA A 192 5.25 -1.40 -28.87
C ALA A 192 5.25 -0.05 -29.61
N VAL A 193 6.24 0.21 -30.47
CA VAL A 193 6.25 1.49 -31.19
C VAL A 193 5.07 1.54 -32.13
N GLU A 194 4.50 2.73 -32.35
CA GLU A 194 3.37 2.79 -33.26
C GLU A 194 3.90 2.69 -34.65
N VAL A 195 3.09 2.12 -35.53
CA VAL A 195 3.50 1.92 -36.90
C VAL A 195 2.80 2.86 -37.88
N SER A 196 3.64 3.55 -38.64
CA SER A 196 3.19 4.51 -39.63
C SER A 196 3.18 3.85 -41.04
N SER A 197 4.11 2.89 -41.22
CA SER A 197 4.32 2.12 -42.45
C SER A 197 3.11 1.58 -43.18
N GLN A 198 2.13 1.08 -42.44
CA GLN A 198 0.91 0.56 -43.07
C GLN A 198 0.99 -0.95 -43.26
N ASP A 199 2.10 -1.53 -42.84
CA ASP A 199 2.20 -2.99 -42.93
C ASP A 199 3.04 -3.53 -41.78
N ARG A 200 4.26 -3.03 -41.64
CA ARG A 200 5.19 -3.51 -40.63
C ARG A 200 6.18 -2.45 -40.18
N HIS A 201 6.61 -2.52 -38.94
CA HIS A 201 7.63 -1.63 -38.44
C HIS A 201 8.94 -2.33 -38.86
N LYS A 202 9.75 -1.67 -39.68
CA LYS A 202 10.98 -2.27 -40.16
C LYS A 202 12.20 -1.55 -39.58
N GLN A 203 13.20 -2.31 -39.23
CA GLN A 203 14.40 -1.69 -38.69
C GLN A 203 15.61 -2.53 -39.04
N LYS A 204 16.80 -1.98 -38.83
CA LYS A 204 18.00 -2.74 -39.15
C LYS A 204 18.28 -3.79 -38.09
N ILE A 205 18.19 -5.04 -38.50
CA ILE A 205 18.47 -6.18 -37.66
C ILE A 205 19.95 -6.51 -37.92
N ILE A 206 20.67 -6.91 -36.89
CA ILE A 206 22.09 -7.20 -37.05
C ILE A 206 22.34 -8.30 -38.06
N ALA A 207 23.32 -8.06 -38.91
CA ALA A 207 23.70 -9.02 -39.95
C ALA A 207 25.20 -8.92 -40.21
N PRO A 208 25.85 -10.06 -40.51
CA PRO A 208 27.30 -10.08 -40.79
C PRO A 208 27.76 -9.03 -41.81
N ALA A 209 28.97 -8.51 -41.63
CA ALA A 209 29.54 -7.50 -42.53
C ALA A 209 29.84 -8.02 -43.95
N LYS A 210 30.46 -7.16 -44.77
CA LYS A 210 30.80 -7.48 -46.16
C LYS A 210 29.56 -7.85 -46.93
N ASP B 12 -29.10 -21.60 -18.95
CA ASP B 12 -29.42 -20.80 -17.72
C ASP B 12 -28.83 -19.39 -17.82
N ARG B 13 -29.52 -18.54 -18.58
CA ARG B 13 -29.11 -17.15 -18.78
C ARG B 13 -29.74 -16.27 -17.70
N ILE B 14 -30.56 -16.92 -16.88
CA ILE B 14 -31.26 -16.24 -15.81
C ILE B 14 -30.47 -16.30 -14.51
N LEU B 15 -30.22 -15.12 -13.96
CA LEU B 15 -29.48 -14.95 -12.72
C LEU B 15 -30.06 -13.95 -11.71
N THR B 16 -30.13 -14.35 -10.43
CA THR B 16 -30.61 -13.45 -9.38
C THR B 16 -29.46 -13.23 -8.41
N THR B 17 -29.18 -11.97 -8.10
CA THR B 17 -28.10 -11.62 -7.18
C THR B 17 -28.69 -11.00 -5.93
N ARG B 18 -28.23 -11.43 -4.76
CA ARG B 18 -28.74 -10.87 -3.51
C ARG B 18 -27.63 -10.23 -2.70
N ASN B 19 -27.87 -9.01 -2.23
CA ASN B 19 -26.91 -8.32 -1.39
C ASN B 19 -27.78 -7.67 -0.32
N GLY B 20 -27.77 -8.26 0.86
CA GLY B 20 -28.59 -7.72 1.92
C GLY B 20 -30.05 -7.92 1.61
N HIS B 21 -30.85 -6.90 1.84
CA HIS B 21 -32.27 -6.95 1.56
C HIS B 21 -32.59 -6.39 0.18
N THR B 22 -31.64 -6.54 -0.74
CA THR B 22 -31.83 -6.04 -2.11
C THR B 22 -31.46 -7.16 -3.07
N THR B 23 -32.25 -7.32 -4.13
CA THR B 23 -31.98 -8.32 -5.14
C THR B 23 -32.07 -7.75 -6.54
N SER B 24 -31.42 -8.42 -7.48
CA SER B 24 -31.42 -8.02 -8.87
C SER B 24 -31.52 -9.27 -9.66
N THR B 25 -32.47 -9.29 -10.57
CA THR B 25 -32.68 -10.43 -11.41
C THR B 25 -32.54 -10.05 -12.88
N THR B 26 -31.71 -10.77 -13.60
CA THR B 26 -31.56 -10.48 -15.01
C THR B 26 -31.80 -11.74 -15.82
N GLN B 27 -32.46 -11.58 -16.96
CA GLN B 27 -32.75 -12.72 -17.81
C GLN B 27 -31.81 -12.76 -19.02
N SER B 28 -30.91 -11.78 -19.15
CA SER B 28 -29.97 -11.79 -20.27
C SER B 28 -28.57 -11.59 -19.73
N SER B 29 -28.04 -12.60 -19.07
CA SER B 29 -26.71 -12.48 -18.53
C SER B 29 -25.81 -13.51 -19.13
N VAL B 30 -24.53 -13.20 -19.17
CA VAL B 30 -23.55 -14.13 -19.68
C VAL B 30 -22.66 -14.57 -18.51
N GLY B 31 -23.23 -14.61 -17.30
CA GLY B 31 -22.45 -15.05 -16.16
C GLY B 31 -21.74 -13.97 -15.37
N VAL B 32 -20.93 -14.41 -14.41
CA VAL B 32 -20.22 -13.48 -13.55
C VAL B 32 -18.71 -13.60 -13.73
N THR B 33 -18.04 -12.46 -13.87
CA THR B 33 -16.60 -12.45 -14.01
C THR B 33 -16.01 -12.06 -12.68
N TYR B 34 -15.10 -12.88 -12.17
CA TYR B 34 -14.43 -12.59 -10.91
C TYR B 34 -13.08 -12.04 -11.29
N GLY B 35 -12.71 -10.92 -10.71
CA GLY B 35 -11.43 -10.35 -11.02
C GLY B 35 -10.31 -10.53 -10.01
N TYR B 36 -9.16 -11.02 -10.47
CA TYR B 36 -7.95 -11.17 -9.64
C TYR B 36 -7.96 -12.14 -8.47
N SER B 37 -9.14 -12.56 -8.06
CA SER B 37 -9.28 -13.47 -6.95
C SER B 37 -10.72 -13.90 -6.80
N THR B 38 -10.95 -14.98 -6.07
CA THR B 38 -12.30 -15.43 -5.81
C THR B 38 -12.69 -15.19 -4.36
N GLN B 39 -11.73 -14.92 -3.49
CA GLN B 39 -12.00 -14.63 -2.06
C GLN B 39 -11.26 -13.34 -1.70
N GLU B 40 -11.34 -12.90 -0.45
CA GLU B 40 -10.66 -11.67 -0.01
C GLU B 40 -9.38 -11.95 0.80
N ASP B 41 -8.40 -11.02 0.74
CA ASP B 41 -7.16 -11.18 1.53
C ASP B 41 -7.63 -11.14 3.01
N HIS B 42 -6.73 -11.32 3.96
CA HIS B 42 -7.14 -11.29 5.35
C HIS B 42 -7.55 -9.85 5.79
N VAL B 43 -8.75 -9.71 6.36
CA VAL B 43 -9.27 -8.39 6.80
C VAL B 43 -8.81 -7.94 8.19
N SER B 44 -8.13 -8.82 8.91
CA SER B 44 -7.62 -8.48 10.23
C SER B 44 -6.11 -8.62 10.22
N GLY B 45 -5.44 -7.51 9.99
CA GLY B 45 -4.00 -7.51 9.98
C GLY B 45 -3.49 -6.62 11.09
N PRO B 46 -2.18 -6.46 11.16
CA PRO B 46 -1.61 -5.63 12.21
C PRO B 46 -1.97 -4.16 12.24
N ASN B 47 -2.31 -3.58 11.10
CA ASN B 47 -2.61 -2.15 11.04
C ASN B 47 -3.87 -1.66 11.74
N THR B 48 -4.78 -2.57 12.11
CA THR B 48 -5.98 -2.14 12.83
C THR B 48 -6.05 -2.66 14.27
N SER B 49 -5.00 -3.35 14.72
CA SER B 49 -4.92 -3.85 16.08
C SER B 49 -6.19 -4.51 16.61
N GLY B 50 -6.88 -5.26 15.77
CA GLY B 50 -8.09 -5.96 16.18
C GLY B 50 -9.31 -5.10 16.50
N LEU B 51 -9.27 -3.84 16.09
CA LEU B 51 -10.36 -2.93 16.38
C LEU B 51 -11.34 -2.76 15.20
N GLU B 52 -11.08 -3.45 14.09
CA GLU B 52 -11.98 -3.36 12.95
C GLU B 52 -13.26 -4.15 13.21
N THR B 53 -14.37 -3.75 12.58
CA THR B 53 -15.62 -4.50 12.71
C THR B 53 -16.27 -4.52 11.35
N ARG B 54 -17.13 -5.50 11.14
CA ARG B 54 -17.85 -5.60 9.89
C ARG B 54 -19.21 -4.88 9.98
N VAL B 55 -19.67 -4.26 8.89
CA VAL B 55 -20.97 -3.59 8.88
C VAL B 55 -21.86 -4.12 7.74
N VAL B 56 -22.58 -5.20 7.99
CA VAL B 56 -23.43 -5.80 6.96
C VAL B 56 -24.54 -4.91 6.46
N GLN B 57 -24.98 -3.95 7.27
CA GLN B 57 -26.06 -3.06 6.86
C GLN B 57 -25.68 -2.20 5.66
N ALA B 58 -24.40 -2.19 5.32
CA ALA B 58 -23.92 -1.41 4.20
C ALA B 58 -23.76 -2.26 2.96
N GLU B 59 -23.80 -3.57 3.10
CA GLU B 59 -23.60 -4.45 1.96
C GLU B 59 -24.90 -4.69 1.20
N ARG B 60 -25.23 -3.76 0.31
CA ARG B 60 -26.46 -3.79 -0.44
C ARG B 60 -26.35 -2.86 -1.63
N PHE B 61 -27.18 -3.08 -2.63
CA PHE B 61 -27.15 -2.30 -3.85
C PHE B 61 -27.51 -0.81 -3.77
N PHE B 62 -26.76 0.00 -4.51
CA PHE B 62 -27.08 1.41 -4.65
C PHE B 62 -26.99 1.66 -6.16
N LYS B 63 -27.61 2.71 -6.64
CA LYS B 63 -27.68 2.95 -8.07
C LYS B 63 -27.04 4.20 -8.63
N LYS B 64 -26.59 4.13 -9.88
CA LYS B 64 -25.98 5.28 -10.52
C LYS B 64 -26.09 5.24 -12.03
N HIS B 65 -26.54 6.33 -12.65
CA HIS B 65 -26.62 6.40 -14.12
C HIS B 65 -25.21 6.72 -14.62
N LEU B 66 -24.72 5.98 -15.61
CA LEU B 66 -23.37 6.24 -16.13
C LEU B 66 -23.41 7.13 -17.34
N PHE B 67 -24.13 6.73 -18.37
CA PHE B 67 -24.24 7.56 -19.54
C PHE B 67 -25.22 7.06 -20.55
N ASP B 68 -25.44 7.88 -21.56
CA ASP B 68 -26.35 7.54 -22.63
C ASP B 68 -25.54 7.12 -23.83
N TRP B 69 -25.68 5.86 -24.18
CA TRP B 69 -24.99 5.29 -25.33
C TRP B 69 -25.81 5.63 -26.58
N THR B 70 -25.26 6.53 -27.37
CA THR B 70 -25.88 7.00 -28.62
C THR B 70 -25.01 6.63 -29.85
N PRO B 71 -25.61 6.59 -31.03
CA PRO B 71 -24.90 6.24 -32.27
C PRO B 71 -23.69 7.06 -32.63
N ASP B 72 -23.64 8.29 -32.14
CA ASP B 72 -22.54 9.18 -32.46
C ASP B 72 -21.27 8.91 -31.65
N LYS B 73 -21.36 8.18 -30.55
CA LYS B 73 -20.15 7.91 -29.77
C LYS B 73 -19.34 6.83 -30.48
N ALA B 74 -18.07 7.13 -30.71
CA ALA B 74 -17.21 6.22 -31.43
C ALA B 74 -16.33 5.33 -30.59
N PHE B 75 -15.67 4.39 -31.26
CA PHE B 75 -14.76 3.49 -30.59
C PHE B 75 -13.84 4.30 -29.71
N GLY B 76 -13.60 3.84 -28.48
CA GLY B 76 -12.71 4.55 -27.59
C GLY B 76 -13.43 5.54 -26.66
N HIS B 77 -14.68 5.85 -26.96
CA HIS B 77 -15.40 6.76 -26.08
C HIS B 77 -15.46 6.08 -24.74
N LEU B 78 -15.00 6.78 -23.73
CA LEU B 78 -14.91 6.17 -22.42
C LEU B 78 -15.58 6.94 -21.31
N GLU B 79 -16.28 6.22 -20.47
CA GLU B 79 -16.97 6.82 -19.35
C GLU B 79 -16.46 6.09 -18.10
N LYS B 80 -16.19 6.82 -17.03
CA LYS B 80 -15.69 6.19 -15.81
C LYS B 80 -16.41 6.60 -14.52
N LEU B 81 -16.33 5.75 -13.52
CA LEU B 81 -16.94 6.03 -12.22
C LEU B 81 -15.95 5.55 -11.14
N GLU B 82 -15.29 6.48 -10.46
CA GLU B 82 -14.35 6.12 -9.39
C GLU B 82 -15.11 5.69 -8.15
N LEU B 83 -14.67 4.62 -7.51
CA LEU B 83 -15.35 4.09 -6.33
C LEU B 83 -14.48 4.14 -5.06
N PRO B 84 -15.10 4.46 -3.92
CA PRO B 84 -16.52 4.75 -3.77
C PRO B 84 -16.90 6.10 -4.33
N THR B 85 -18.18 6.23 -4.63
CA THR B 85 -18.69 7.46 -5.17
C THR B 85 -19.55 8.04 -4.04
N ASP B 86 -20.10 9.23 -4.21
CA ASP B 86 -20.92 9.80 -3.16
C ASP B 86 -22.09 8.87 -2.88
N HIS B 87 -22.33 8.58 -1.62
CA HIS B 87 -23.35 7.60 -1.25
C HIS B 87 -24.12 8.24 -0.13
N LYS B 88 -25.44 8.23 -0.24
CA LYS B 88 -26.24 8.89 0.78
C LYS B 88 -26.90 7.95 1.75
N GLY B 89 -26.42 6.71 1.82
CA GLY B 89 -27.04 5.77 2.75
C GLY B 89 -26.10 5.32 3.84
N VAL B 90 -26.21 4.07 4.25
CA VAL B 90 -25.39 3.55 5.33
C VAL B 90 -23.90 3.58 4.97
N TYR B 91 -23.54 3.10 3.79
CA TYR B 91 -22.15 3.06 3.39
C TYR B 91 -21.53 4.45 3.43
N GLY B 92 -22.28 5.41 2.92
CA GLY B 92 -21.78 6.77 2.90
C GLY B 92 -21.51 7.30 4.30
N PHE B 93 -22.39 6.93 5.24
CA PHE B 93 -22.23 7.39 6.60
C PHE B 93 -20.93 6.81 7.18
N LEU B 94 -20.61 5.55 6.86
CA LEU B 94 -19.38 4.94 7.35
C LEU B 94 -18.16 5.72 6.88
N VAL B 95 -18.16 6.17 5.64
CA VAL B 95 -17.02 6.91 5.14
C VAL B 95 -16.77 8.19 5.95
N ASP B 96 -17.82 8.79 6.47
CA ASP B 96 -17.65 10.01 7.25
C ASP B 96 -17.45 9.80 8.74
N SER B 97 -17.73 8.60 9.23
CA SER B 97 -17.65 8.32 10.65
C SER B 97 -16.51 7.46 11.11
N PHE B 98 -15.81 6.84 10.17
CA PHE B 98 -14.67 6.00 10.51
C PHE B 98 -13.48 6.44 9.68
N ALA B 99 -12.30 6.40 10.27
CA ALA B 99 -11.08 6.83 9.60
C ALA B 99 -10.61 5.88 8.51
N TYR B 100 -10.82 4.58 8.70
CA TYR B 100 -10.35 3.59 7.75
C TYR B 100 -11.42 2.60 7.37
N MET B 101 -11.38 2.16 6.11
CA MET B 101 -12.36 1.20 5.58
C MET B 101 -11.75 0.32 4.51
N ARG B 102 -12.43 -0.78 4.23
CA ARG B 102 -12.05 -1.67 3.13
C ARG B 102 -13.32 -2.40 2.74
N ASN B 103 -13.44 -2.70 1.45
CA ASN B 103 -14.58 -3.44 0.91
C ASN B 103 -14.30 -3.79 -0.55
N GLY B 104 -14.95 -4.82 -1.05
CA GLY B 104 -14.82 -5.15 -2.45
C GLY B 104 -16.07 -4.63 -3.15
N TRP B 105 -16.28 -5.00 -4.41
CA TRP B 105 -17.48 -4.53 -5.10
C TRP B 105 -18.16 -5.62 -5.92
N ASP B 106 -19.49 -5.61 -5.87
CA ASP B 106 -20.31 -6.53 -6.66
C ASP B 106 -20.94 -5.55 -7.66
N VAL B 107 -20.52 -5.63 -8.91
CA VAL B 107 -20.97 -4.69 -9.92
C VAL B 107 -21.80 -5.25 -11.06
N GLU B 108 -22.96 -4.64 -11.27
CA GLU B 108 -23.86 -5.03 -12.35
C GLU B 108 -24.04 -3.78 -13.22
N VAL B 109 -23.85 -3.90 -14.52
CA VAL B 109 -24.06 -2.77 -15.42
C VAL B 109 -25.08 -3.22 -16.46
N SER B 110 -26.10 -2.40 -16.69
CA SER B 110 -27.12 -2.75 -17.65
C SER B 110 -27.22 -1.67 -18.72
N ALA B 111 -27.51 -2.12 -19.93
CA ALA B 111 -27.62 -1.29 -21.10
C ALA B 111 -28.80 -1.88 -21.88
N VAL B 112 -29.98 -1.39 -21.56
CA VAL B 112 -31.20 -1.87 -22.15
C VAL B 112 -31.65 -1.14 -23.43
N GLY B 113 -31.58 -1.85 -24.56
CA GLY B 113 -32.06 -1.31 -25.83
C GLY B 113 -32.97 -2.45 -26.27
N ASN B 114 -32.80 -2.95 -27.48
CA ASN B 114 -33.50 -4.16 -27.86
C ASN B 114 -32.57 -4.98 -28.74
N GLN B 115 -33.00 -6.16 -29.15
CA GLN B 115 -32.15 -7.05 -29.91
C GLN B 115 -31.87 -6.59 -31.34
N PHE B 116 -32.54 -5.52 -31.76
CA PHE B 116 -32.32 -4.98 -33.09
C PHE B 116 -31.26 -3.90 -33.11
N ASN B 117 -30.72 -3.58 -31.94
CA ASN B 117 -29.61 -2.65 -31.87
C ASN B 117 -28.36 -3.50 -32.07
N GLY B 118 -27.32 -2.85 -32.52
CA GLY B 118 -26.07 -3.54 -32.71
C GLY B 118 -25.00 -2.71 -32.00
N GLY B 119 -23.80 -3.26 -31.92
CA GLY B 119 -22.73 -2.55 -31.25
C GLY B 119 -22.19 -3.33 -30.07
N CYS B 120 -21.20 -2.77 -29.41
CA CYS B 120 -20.56 -3.45 -28.31
C CYS B 120 -19.92 -2.51 -27.32
N LEU B 121 -20.18 -2.73 -26.04
CA LEU B 121 -19.57 -1.93 -24.96
C LEU B 121 -18.64 -2.84 -24.18
N LEU B 122 -17.53 -2.28 -23.72
CA LEU B 122 -16.60 -3.02 -22.86
C LEU B 122 -16.86 -2.48 -21.44
N VAL B 123 -17.10 -3.38 -20.48
CA VAL B 123 -17.30 -2.98 -19.09
C VAL B 123 -16.13 -3.59 -18.32
N ALA B 124 -15.36 -2.75 -17.64
CA ALA B 124 -14.19 -3.21 -16.89
C ALA B 124 -14.02 -2.53 -15.54
N MET B 125 -13.35 -3.23 -14.62
CA MET B 125 -13.05 -2.70 -13.30
C MET B 125 -11.54 -2.51 -13.29
N VAL B 126 -11.11 -1.28 -13.07
CA VAL B 126 -9.71 -0.93 -13.10
C VAL B 126 -9.13 -0.45 -11.78
N PRO B 127 -8.05 -1.08 -11.33
CA PRO B 127 -7.42 -0.69 -10.07
C PRO B 127 -6.42 0.44 -10.35
N GLU B 128 -6.43 1.46 -9.49
CA GLU B 128 -5.55 2.62 -9.62
C GLU B 128 -5.69 3.26 -11.00
N TRP B 129 -6.83 3.90 -11.19
CA TRP B 129 -7.13 4.56 -12.43
C TRP B 129 -6.16 5.68 -12.77
N LYS B 130 -5.83 5.75 -14.05
CA LYS B 130 -4.96 6.76 -14.65
C LYS B 130 -5.63 6.96 -16.00
N GLU B 131 -5.63 8.17 -16.51
CA GLU B 131 -6.27 8.40 -17.79
C GLU B 131 -5.51 7.66 -18.88
N PHE B 132 -6.19 6.80 -19.62
CA PHE B 132 -5.54 6.01 -20.66
C PHE B 132 -5.38 6.74 -21.96
N THR B 133 -4.25 6.52 -22.64
CA THR B 133 -4.05 7.13 -23.95
C THR B 133 -4.82 6.32 -24.98
N PRO B 134 -5.06 6.91 -26.14
CA PRO B 134 -5.79 6.22 -27.20
C PRO B 134 -5.22 4.84 -27.51
N ARG B 135 -3.89 4.74 -27.54
CA ARG B 135 -3.31 3.44 -27.85
C ARG B 135 -3.54 2.44 -26.71
N GLU B 136 -3.53 2.90 -25.47
CA GLU B 136 -3.74 1.97 -24.37
C GLU B 136 -5.15 1.39 -24.31
N LYS B 137 -6.12 2.07 -24.92
CA LYS B 137 -7.50 1.58 -24.89
C LYS B 137 -7.68 0.23 -25.59
N TYR B 138 -6.77 -0.08 -26.50
CA TYR B 138 -6.78 -1.36 -27.21
C TYR B 138 -6.46 -2.54 -26.29
N GLN B 139 -5.98 -2.25 -25.08
CA GLN B 139 -5.61 -3.29 -24.13
C GLN B 139 -6.38 -3.26 -22.83
N LEU B 140 -7.57 -2.63 -22.80
CA LEU B 140 -8.33 -2.57 -21.56
C LEU B 140 -8.84 -3.90 -21.13
N THR B 141 -8.77 -4.89 -22.02
CA THR B 141 -9.22 -6.25 -21.68
C THR B 141 -8.25 -6.96 -20.73
N LEU B 142 -7.14 -6.31 -20.38
CA LEU B 142 -6.19 -6.85 -19.42
C LEU B 142 -6.84 -6.76 -18.03
N PHE B 143 -7.86 -5.90 -17.88
CA PHE B 143 -8.54 -5.75 -16.61
C PHE B 143 -9.79 -6.61 -16.54
N PRO B 144 -10.26 -6.92 -15.33
CA PRO B 144 -11.46 -7.74 -15.18
C PRO B 144 -12.60 -7.10 -15.98
N HIS B 145 -13.22 -7.86 -16.88
CA HIS B 145 -14.25 -7.26 -17.71
C HIS B 145 -15.26 -8.24 -18.31
N GLN B 146 -16.26 -7.68 -18.97
CA GLN B 146 -17.26 -8.43 -19.74
C GLN B 146 -17.67 -7.44 -20.84
N PHE B 147 -18.37 -7.91 -21.87
CA PHE B 147 -18.85 -7.05 -22.92
C PHE B 147 -20.37 -7.04 -22.87
N ILE B 148 -20.95 -6.02 -23.46
CA ILE B 148 -22.39 -5.98 -23.59
C ILE B 148 -22.64 -5.75 -25.08
N SER B 149 -23.34 -6.69 -25.72
CA SER B 149 -23.72 -6.58 -27.13
C SER B 149 -25.19 -6.89 -27.13
N PRO B 150 -26.00 -5.93 -27.57
CA PRO B 150 -27.46 -6.04 -27.63
C PRO B 150 -27.98 -7.37 -28.22
N ARG B 151 -27.26 -7.95 -29.17
CA ARG B 151 -27.69 -9.21 -29.76
C ARG B 151 -27.56 -10.33 -28.74
N THR B 152 -26.76 -10.13 -27.72
CA THR B 152 -26.55 -11.19 -26.76
C THR B 152 -26.97 -10.95 -25.32
N ASN B 153 -26.63 -9.81 -24.76
CA ASN B 153 -26.97 -9.53 -23.37
C ASN B 153 -27.23 -8.05 -23.11
N MET B 154 -27.91 -7.77 -22.01
CA MET B 154 -28.20 -6.41 -21.60
C MET B 154 -27.46 -6.11 -20.30
N THR B 155 -26.86 -7.13 -19.73
CA THR B 155 -26.20 -7.02 -18.45
C THR B 155 -24.80 -7.59 -18.40
N ALA B 156 -23.90 -6.89 -17.71
CA ALA B 156 -22.52 -7.33 -17.47
C ALA B 156 -22.44 -7.45 -15.96
N HIS B 157 -21.68 -8.41 -15.46
CA HIS B 157 -21.57 -8.57 -14.01
C HIS B 157 -20.14 -8.91 -13.60
N ILE B 158 -19.52 -8.02 -12.81
CA ILE B 158 -18.14 -8.22 -12.36
C ILE B 158 -18.03 -8.15 -10.85
N VAL B 159 -17.23 -9.03 -10.27
CA VAL B 159 -17.04 -9.06 -8.84
C VAL B 159 -15.56 -8.93 -8.51
N VAL B 160 -15.20 -7.94 -7.70
CA VAL B 160 -13.80 -7.74 -7.35
C VAL B 160 -13.57 -7.57 -5.89
N PRO B 161 -12.36 -7.93 -5.47
CA PRO B 161 -12.01 -7.81 -4.06
C PRO B 161 -11.35 -6.48 -3.81
N TYR B 162 -11.17 -6.19 -2.54
CA TYR B 162 -10.49 -5.00 -2.13
C TYR B 162 -8.99 -5.25 -2.39
N LEU B 163 -8.26 -4.20 -2.74
CA LEU B 163 -6.82 -4.33 -2.90
C LEU B 163 -6.22 -2.96 -2.72
N GLY B 164 -4.89 -2.88 -2.75
CA GLY B 164 -4.20 -1.62 -2.59
C GLY B 164 -2.95 -1.77 -1.76
N VAL B 165 -2.05 -0.78 -1.79
CA VAL B 165 -0.82 -0.87 -1.02
C VAL B 165 -1.09 -0.95 0.48
N ASN B 166 -2.23 -0.43 0.90
CA ASN B 166 -2.61 -0.49 2.31
C ASN B 166 -3.80 -1.44 2.53
N ARG B 167 -3.75 -2.18 3.63
CA ARG B 167 -4.80 -3.15 3.96
C ARG B 167 -6.16 -2.48 4.27
N TYR B 168 -6.15 -1.22 4.72
CA TYR B 168 -7.36 -0.42 4.95
C TYR B 168 -7.04 0.90 4.29
N ASP B 169 -8.06 1.60 3.87
CA ASP B 169 -7.87 2.83 3.13
C ASP B 169 -8.65 4.00 3.70
N GLN B 170 -8.33 5.20 3.24
CA GLN B 170 -9.05 6.42 3.59
C GLN B 170 -9.64 6.85 2.23
N TYR B 171 -10.88 6.45 1.97
CA TYR B 171 -11.52 6.71 0.70
C TYR B 171 -11.65 8.18 0.32
N LYS B 172 -11.58 9.07 1.31
CA LYS B 172 -11.64 10.46 0.96
C LYS B 172 -10.34 10.87 0.31
N LYS B 173 -9.30 10.06 0.46
CA LYS B 173 -8.02 10.39 -0.17
C LYS B 173 -7.59 9.47 -1.31
N HIS B 174 -8.18 8.29 -1.43
CA HIS B 174 -7.76 7.36 -2.46
C HIS B 174 -8.93 6.46 -2.84
N LYS B 175 -9.12 6.25 -4.14
CA LYS B 175 -10.18 5.39 -4.67
C LYS B 175 -9.46 4.28 -5.43
N PRO B 176 -9.36 3.09 -4.84
CA PRO B 176 -8.66 2.00 -5.53
C PRO B 176 -9.30 1.44 -6.80
N TRP B 177 -10.61 1.44 -6.86
CA TRP B 177 -11.28 0.90 -8.03
C TRP B 177 -12.02 1.92 -8.87
N THR B 178 -11.99 1.72 -10.19
CA THR B 178 -12.73 2.59 -11.09
C THR B 178 -13.52 1.74 -12.08
N LEU B 179 -14.81 2.00 -12.19
CA LEU B 179 -15.66 1.31 -13.14
C LEU B 179 -15.50 2.05 -14.44
N VAL B 180 -15.26 1.32 -15.51
CA VAL B 180 -15.03 1.93 -16.82
C VAL B 180 -15.92 1.30 -17.87
N VAL B 181 -16.56 2.13 -18.69
CA VAL B 181 -17.38 1.61 -19.77
C VAL B 181 -16.85 2.24 -21.04
N MET B 182 -16.48 1.44 -22.02
CA MET B 182 -15.95 2.01 -23.24
C MET B 182 -16.65 1.47 -24.46
N VAL B 183 -16.86 2.33 -25.45
CA VAL B 183 -17.49 1.90 -26.69
C VAL B 183 -16.45 1.13 -27.50
N VAL B 184 -16.77 -0.12 -27.83
CA VAL B 184 -15.87 -0.95 -28.64
C VAL B 184 -16.31 -0.83 -30.10
N SER B 185 -17.61 -0.97 -30.34
CA SER B 185 -18.16 -0.80 -31.66
C SER B 185 -19.42 0.03 -31.43
N PRO B 186 -19.61 1.11 -32.19
CA PRO B 186 -20.77 1.98 -32.04
C PRO B 186 -22.15 1.39 -32.16
N LEU B 187 -23.07 1.97 -31.39
CA LEU B 187 -24.45 1.55 -31.37
C LEU B 187 -25.04 1.72 -32.76
N THR B 188 -25.68 0.69 -33.29
CA THR B 188 -26.34 0.81 -34.59
C THR B 188 -27.85 0.77 -34.34
N THR B 189 -28.61 1.45 -35.20
CA THR B 189 -30.05 1.50 -35.08
C THR B 189 -30.79 1.11 -36.38
N ASN B 190 -32.00 0.59 -36.24
CA ASN B 190 -32.89 0.14 -37.32
C ASN B 190 -34.17 0.91 -37.13
N THR B 191 -35.17 0.51 -37.89
CA THR B 191 -36.49 1.10 -37.76
C THR B 191 -37.12 0.42 -36.56
N VAL B 192 -36.75 -0.84 -36.31
CA VAL B 192 -37.30 -1.55 -35.17
C VAL B 192 -36.51 -1.50 -33.86
N SER B 193 -35.31 -0.92 -33.87
CA SER B 193 -34.47 -0.87 -32.68
C SER B 193 -34.71 0.37 -31.83
N ALA B 194 -34.07 0.40 -30.67
CA ALA B 194 -34.12 1.54 -29.77
C ALA B 194 -33.20 2.61 -30.39
N GLY B 195 -33.42 3.88 -30.06
CA GLY B 195 -32.59 4.92 -30.66
C GLY B 195 -31.36 5.26 -29.86
N GLN B 196 -31.39 4.93 -28.57
CA GLN B 196 -30.27 5.16 -27.68
C GLN B 196 -30.44 4.22 -26.52
N ILE B 197 -29.37 3.95 -25.80
CA ILE B 197 -29.44 3.05 -24.67
C ILE B 197 -28.89 3.73 -23.43
N LYS B 198 -29.68 3.81 -22.37
CA LYS B 198 -29.19 4.42 -21.14
C LYS B 198 -28.48 3.33 -20.35
N VAL B 199 -27.26 3.61 -19.93
CA VAL B 199 -26.43 2.66 -19.20
C VAL B 199 -26.43 2.99 -17.71
N TYR B 200 -26.85 2.03 -16.89
CA TYR B 200 -26.91 2.21 -15.43
C TYR B 200 -26.04 1.21 -14.71
N ALA B 201 -25.59 1.58 -13.52
CA ALA B 201 -24.82 0.67 -12.69
C ALA B 201 -25.62 0.37 -11.41
N ASN B 202 -25.57 -0.88 -11.00
CA ASN B 202 -26.21 -1.38 -9.80
C ASN B 202 -25.01 -1.95 -9.03
N ILE B 203 -24.59 -1.24 -8.00
CA ILE B 203 -23.41 -1.63 -7.26
C ILE B 203 -23.65 -1.92 -5.80
N ALA B 204 -22.94 -2.91 -5.27
CA ALA B 204 -23.03 -3.25 -3.87
C ALA B 204 -21.65 -3.38 -3.28
N PRO B 205 -21.40 -2.71 -2.14
CA PRO B 205 -20.07 -2.87 -1.55
C PRO B 205 -20.08 -4.24 -0.86
N THR B 206 -18.95 -4.93 -0.86
CA THR B 206 -18.88 -6.24 -0.21
C THR B 206 -17.86 -6.31 0.93
N HIS B 207 -18.12 -7.16 1.94
CA HIS B 207 -17.21 -7.34 3.07
C HIS B 207 -16.74 -6.03 3.63
N VAL B 208 -17.69 -5.20 4.02
CA VAL B 208 -17.37 -3.88 4.54
C VAL B 208 -16.86 -3.90 5.96
N HIS B 209 -15.63 -3.43 6.12
CA HIS B 209 -15.02 -3.34 7.44
C HIS B 209 -14.58 -1.93 7.73
N VAL B 210 -14.76 -1.50 8.98
CA VAL B 210 -14.34 -0.16 9.37
C VAL B 210 -13.47 -0.22 10.62
N ALA B 211 -12.63 0.80 10.79
CA ALA B 211 -11.76 0.92 11.96
C ALA B 211 -11.50 2.38 12.25
N GLY B 212 -11.41 2.70 13.55
CA GLY B 212 -11.13 4.06 13.98
C GLY B 212 -12.30 5.02 13.99
N GLU B 213 -13.22 4.83 14.92
CA GLU B 213 -14.38 5.72 15.00
C GLU B 213 -13.96 7.17 15.23
N LEU B 214 -14.53 8.07 14.44
CA LEU B 214 -14.24 9.49 14.53
C LEU B 214 -15.17 10.22 15.48
N PRO B 215 -14.80 11.43 15.92
CA PRO B 215 -15.70 12.14 16.83
C PRO B 215 -16.86 12.71 16.06
N SER B 216 -17.87 13.20 16.74
CA SER B 216 -19.02 13.80 16.05
C SER B 216 -18.67 15.22 15.69
N LYS B 217 -19.30 15.76 14.66
CA LYS B 217 -19.01 17.13 14.25
C LYS B 217 -19.78 18.23 15.03
N GLU B 218 -20.55 17.80 16.02
CA GLU B 218 -21.35 18.71 16.85
C GLU B 218 -21.62 18.18 18.27
N GLY C 1 49.41 -25.88 -11.03
CA GLY C 1 48.79 -24.53 -11.11
C GLY C 1 48.15 -24.18 -9.78
N ILE C 2 47.60 -22.98 -9.70
CA ILE C 2 46.93 -22.53 -8.49
C ILE C 2 45.48 -22.15 -8.80
N VAL C 3 44.72 -21.83 -7.76
CA VAL C 3 43.32 -21.48 -7.97
C VAL C 3 43.15 -20.13 -8.66
N PRO C 4 42.35 -20.10 -9.74
CA PRO C 4 42.12 -18.82 -10.43
C PRO C 4 40.91 -18.13 -9.81
N VAL C 5 41.00 -16.83 -9.57
CA VAL C 5 39.87 -16.10 -9.01
C VAL C 5 39.62 -14.84 -9.80
N ALA C 6 38.40 -14.35 -9.69
CA ALA C 6 37.98 -13.14 -10.37
C ALA C 6 37.83 -12.05 -9.31
N CYS C 7 38.76 -11.10 -9.27
CA CYS C 7 38.65 -10.00 -8.29
C CYS C 7 37.53 -9.12 -8.89
N SER C 8 36.39 -9.11 -8.21
CA SER C 8 35.18 -8.46 -8.69
C SER C 8 34.94 -7.01 -8.43
N ASP C 9 34.72 -6.28 -9.51
CA ASP C 9 34.48 -4.85 -9.44
C ASP C 9 33.18 -4.54 -8.73
N GLY C 10 33.23 -3.54 -7.84
CA GLY C 10 32.04 -3.14 -7.11
C GLY C 10 31.92 -3.78 -5.73
N TYR C 11 32.83 -4.71 -5.43
CA TYR C 11 32.85 -5.40 -4.15
C TYR C 11 34.13 -5.05 -3.41
N GLY C 12 34.13 -5.21 -2.09
CA GLY C 12 35.33 -5.00 -1.31
C GLY C 12 35.54 -3.73 -0.53
N GLY C 13 34.79 -2.70 -0.86
CA GLY C 13 34.94 -1.45 -0.15
C GLY C 13 34.38 -1.59 1.26
N LEU C 14 34.86 -0.75 2.15
CA LEU C 14 34.40 -0.76 3.51
C LEU C 14 32.99 -0.16 3.56
N VAL C 15 32.09 -0.84 4.25
CA VAL C 15 30.75 -0.31 4.46
C VAL C 15 30.62 -0.31 5.99
N THR C 16 30.28 0.84 6.55
CA THR C 16 30.24 1.00 7.99
C THR C 16 29.35 0.09 8.79
N THR C 17 28.44 -0.59 8.12
CA THR C 17 27.53 -1.52 8.79
C THR C 17 27.74 -2.92 8.24
N ASP C 18 28.89 -3.20 7.63
CA ASP C 18 29.05 -4.55 7.05
C ASP C 18 28.97 -5.70 8.04
N PRO C 19 28.55 -6.86 7.55
CA PRO C 19 28.45 -8.00 8.46
C PRO C 19 29.66 -8.90 8.55
N LYS C 20 30.85 -8.34 8.37
CA LYS C 20 32.04 -9.15 8.50
C LYS C 20 32.93 -8.65 9.62
N THR C 21 33.94 -9.43 9.97
CA THR C 21 34.84 -9.03 11.04
C THR C 21 36.24 -8.79 10.57
N ALA C 22 36.95 -7.94 11.31
CA ALA C 22 38.32 -7.59 10.99
C ALA C 22 39.28 -8.72 11.35
N ASP C 23 40.50 -8.64 10.85
CA ASP C 23 41.52 -9.63 11.17
C ASP C 23 42.06 -9.23 12.53
N PRO C 24 42.32 -10.21 13.40
CA PRO C 24 42.84 -9.91 14.74
C PRO C 24 44.36 -9.74 14.75
N VAL C 25 44.90 -9.15 15.80
CA VAL C 25 46.34 -8.95 15.89
C VAL C 25 46.96 -9.13 17.28
N TYR C 26 46.15 -9.30 18.31
CA TYR C 26 46.68 -9.40 19.67
C TYR C 26 45.89 -10.47 20.41
N GLY C 27 46.38 -11.70 20.38
CA GLY C 27 45.62 -12.77 20.96
C GLY C 27 45.81 -13.12 22.41
N MET C 28 44.98 -14.07 22.85
CA MET C 28 44.99 -14.62 24.19
C MET C 28 44.74 -13.67 25.36
N VAL C 29 43.78 -12.77 25.20
CA VAL C 29 43.48 -11.87 26.28
C VAL C 29 42.28 -12.40 27.08
N TYR C 30 42.46 -12.59 28.38
CA TYR C 30 41.39 -13.07 29.27
C TYR C 30 40.94 -11.88 30.11
N ASN C 31 39.63 -11.64 30.16
CA ASN C 31 39.08 -10.52 30.89
C ASN C 31 38.76 -10.77 32.33
N PRO C 32 38.73 -9.71 33.14
CA PRO C 32 38.39 -9.83 34.57
C PRO C 32 36.94 -10.34 34.51
N PRO C 33 36.52 -11.15 35.47
CA PRO C 33 35.15 -11.63 35.38
C PRO C 33 34.08 -10.58 35.71
N ARG C 34 32.95 -10.64 34.99
CA ARG C 34 31.85 -9.72 35.25
C ARG C 34 30.52 -10.46 35.36
N THR C 35 30.61 -11.67 35.90
CA THR C 35 29.50 -12.57 36.13
C THR C 35 28.41 -11.93 37.00
N ASN C 36 27.18 -11.97 36.53
CA ASN C 36 26.08 -11.40 37.30
C ASN C 36 26.24 -9.93 37.66
N TYR C 37 26.82 -9.13 36.76
CA TYR C 37 26.93 -7.72 37.04
C TYR C 37 25.47 -7.25 36.98
N PRO C 38 25.04 -6.48 37.97
CA PRO C 38 23.65 -6.04 37.94
C PRO C 38 23.23 -5.02 36.92
N GLY C 39 21.92 -4.96 36.69
CA GLY C 39 21.35 -3.97 35.81
C GLY C 39 21.49 -4.10 34.31
N ARG C 40 21.70 -5.31 33.81
CA ARG C 40 21.84 -5.47 32.39
C ARG C 40 20.54 -5.36 31.61
N PHE C 41 20.63 -4.81 30.40
CA PHE C 41 19.48 -4.75 29.52
C PHE C 41 19.98 -5.16 28.14
N THR C 42 19.29 -6.08 27.50
CA THR C 42 19.72 -6.54 26.19
C THR C 42 18.87 -6.03 25.03
N ASN C 43 17.77 -5.36 25.35
CA ASN C 43 16.95 -4.80 24.30
C ASN C 43 16.42 -3.47 24.81
N LEU C 44 16.56 -2.42 24.00
CA LEU C 44 16.09 -1.11 24.41
C LEU C 44 14.61 -1.09 24.79
N LEU C 45 13.80 -1.87 24.08
CA LEU C 45 12.37 -1.89 24.36
C LEU C 45 11.97 -2.54 25.69
N ASP C 46 12.85 -3.35 26.28
CA ASP C 46 12.56 -3.93 27.61
C ASP C 46 12.55 -2.74 28.59
N VAL C 47 13.53 -1.86 28.42
CA VAL C 47 13.64 -0.69 29.28
C VAL C 47 12.47 0.24 29.03
N ALA C 48 12.12 0.45 27.77
CA ALA C 48 11.04 1.33 27.39
C ALA C 48 9.68 0.87 27.88
N GLU C 49 9.49 -0.43 28.02
CA GLU C 49 8.23 -0.96 28.53
C GLU C 49 8.13 -0.80 30.03
N ALA C 50 9.24 -1.07 30.71
CA ALA C 50 9.27 -1.05 32.16
C ALA C 50 9.41 0.27 32.87
N CYS C 51 9.95 1.25 32.18
CA CYS C 51 10.19 2.55 32.80
C CYS C 51 9.53 3.70 32.10
N PRO C 52 8.32 4.07 32.53
CA PRO C 52 7.61 5.19 31.91
C PRO C 52 8.37 6.49 32.22
N THR C 53 8.42 7.42 31.27
CA THR C 53 9.07 8.70 31.51
C THR C 53 8.02 9.78 31.29
N PHE C 54 8.24 10.96 31.87
CA PHE C 54 7.26 12.03 31.82
C PHE C 54 7.03 12.80 30.55
N LEU C 55 5.76 13.16 30.34
CA LEU C 55 5.37 13.99 29.22
C LEU C 55 5.64 15.44 29.62
N CYS C 56 5.56 16.35 28.66
CA CYS C 56 5.87 17.75 28.89
C CYS C 56 4.70 18.62 28.46
N PHE C 57 4.09 19.30 29.43
CA PHE C 57 2.96 20.18 29.15
C PHE C 57 3.36 21.65 29.32
N ASP C 58 2.64 22.53 28.65
CA ASP C 58 2.88 23.97 28.68
C ASP C 58 3.57 24.41 29.95
N GLU C 59 4.74 25.03 29.80
CA GLU C 59 5.55 25.51 30.93
C GLU C 59 6.54 24.46 31.46
N GLY C 60 6.67 23.35 30.76
CA GLY C 60 7.56 22.31 31.22
C GLY C 60 7.12 21.64 32.51
N LYS C 61 5.87 21.25 32.59
CA LYS C 61 5.39 20.57 33.77
C LYS C 61 5.01 19.18 33.28
N PRO C 62 5.25 18.16 34.09
CA PRO C 62 4.89 16.80 33.69
C PRO C 62 3.44 16.51 34.04
N TYR C 63 2.65 17.53 34.28
CA TYR C 63 1.26 17.31 34.67
C TYR C 63 0.35 18.38 34.14
N VAL C 64 -0.93 18.09 34.21
CA VAL C 64 -1.99 19.03 33.83
C VAL C 64 -2.76 19.29 35.13
N VAL C 65 -3.43 20.43 35.20
CA VAL C 65 -4.22 20.78 36.38
C VAL C 65 -5.27 21.75 35.90
N THR C 66 -6.42 21.84 36.56
CA THR C 66 -7.38 22.87 36.16
C THR C 66 -8.05 23.45 37.36
N ARG C 67 -8.26 24.76 37.34
CA ARG C 67 -8.88 25.52 38.43
C ARG C 67 -10.40 25.51 38.44
N THR C 68 -11.01 25.30 37.28
CA THR C 68 -12.46 25.29 37.19
C THR C 68 -12.94 23.83 37.26
N ASP C 69 -14.16 23.60 37.79
CA ASP C 69 -14.75 22.23 37.92
C ASP C 69 -15.70 21.85 36.76
N GLU C 70 -15.72 22.70 35.74
CA GLU C 70 -16.54 22.49 34.55
C GLU C 70 -15.77 21.46 33.69
N GLN C 71 -16.39 20.97 32.62
CA GLN C 71 -15.71 20.00 31.77
C GLN C 71 -14.78 20.77 30.81
N ARG C 72 -13.55 20.31 30.68
CA ARG C 72 -12.56 20.99 29.87
C ARG C 72 -11.63 20.02 29.19
N LEU C 73 -11.04 20.50 28.11
CA LEU C 73 -10.05 19.74 27.40
C LEU C 73 -8.81 20.18 28.20
N LEU C 74 -8.12 19.25 28.84
CA LEU C 74 -6.93 19.62 29.60
C LEU C 74 -5.69 19.63 28.72
N ALA C 75 -5.61 18.71 27.78
CA ALA C 75 -4.47 18.67 26.91
C ALA C 75 -4.82 17.88 25.67
N LYS C 76 -4.12 18.21 24.60
CA LYS C 76 -4.31 17.57 23.31
C LYS C 76 -2.90 17.45 22.74
N PHE C 77 -2.50 16.27 22.29
CA PHE C 77 -1.18 16.20 21.65
C PHE C 77 -1.20 15.24 20.49
N ASP C 78 -0.29 15.46 19.55
CA ASP C 78 -0.22 14.61 18.38
C ASP C 78 0.26 13.20 18.72
N VAL C 79 -0.33 12.19 18.10
CA VAL C 79 0.17 10.84 18.32
C VAL C 79 1.40 10.75 17.39
N SER C 80 2.53 11.26 17.88
CA SER C 80 3.80 11.28 17.14
C SER C 80 4.94 11.18 18.11
N LEU C 81 5.96 10.43 17.74
CA LEU C 81 7.12 10.31 18.61
C LEU C 81 7.93 11.61 18.56
N ALA C 82 7.57 12.50 17.65
CA ALA C 82 8.23 13.82 17.51
C ALA C 82 7.38 14.95 18.09
N ALA C 83 6.33 14.60 18.81
CA ALA C 83 5.46 15.60 19.43
C ALA C 83 6.17 16.39 20.53
N LYS C 84 5.83 17.68 20.64
CA LYS C 84 6.41 18.54 21.66
C LYS C 84 6.33 17.84 23.01
N HIS C 85 5.13 17.36 23.33
CA HIS C 85 4.86 16.71 24.60
C HIS C 85 5.63 15.48 24.91
N MET C 86 6.15 14.82 23.88
CA MET C 86 6.91 13.58 24.09
C MET C 86 8.39 13.84 24.00
N SER C 87 8.75 15.09 23.71
CA SER C 87 10.14 15.41 23.47
C SER C 87 11.15 15.13 24.56
N ASN C 88 10.72 14.96 25.81
CA ASN C 88 11.69 14.66 26.85
C ASN C 88 11.60 13.22 27.34
N THR C 89 10.81 12.41 26.64
CA THR C 89 10.63 11.01 27.04
C THR C 89 11.73 10.09 26.51
N TYR C 90 11.94 8.99 27.21
CA TYR C 90 12.91 8.00 26.80
C TYR C 90 12.42 7.32 25.51
N LEU C 91 11.11 7.10 25.39
CA LEU C 91 10.57 6.45 24.20
C LEU C 91 10.94 7.28 22.97
N SER C 92 10.77 8.59 23.04
CA SER C 92 11.14 9.42 21.89
C SER C 92 12.66 9.46 21.70
N GLY C 93 13.42 9.38 22.79
CA GLY C 93 14.87 9.38 22.72
C GLY C 93 15.40 8.19 21.93
N ILE C 94 14.71 7.07 22.07
CA ILE C 94 15.06 5.85 21.39
C ILE C 94 14.56 5.90 19.96
N ALA C 95 13.31 6.31 19.80
CA ALA C 95 12.65 6.34 18.52
C ALA C 95 13.32 7.19 17.44
N GLN C 96 14.03 8.23 17.85
CA GLN C 96 14.69 9.08 16.89
C GLN C 96 15.72 8.32 16.05
N TYR C 97 16.18 7.19 16.56
CA TYR C 97 17.21 6.41 15.87
C TYR C 97 16.67 5.29 14.99
N TYR C 98 15.38 5.30 14.73
CA TYR C 98 14.74 4.30 13.88
C TYR C 98 13.80 5.03 12.94
N ALA C 99 13.63 4.55 11.72
CA ALA C 99 12.77 5.24 10.78
C ALA C 99 11.30 4.92 10.92
N GLN C 100 11.00 3.73 11.40
CA GLN C 100 9.61 3.31 11.50
C GLN C 100 9.24 2.59 12.77
N TYR C 101 7.95 2.58 13.07
CA TYR C 101 7.44 1.89 14.24
C TYR C 101 6.02 1.38 13.94
N SER C 102 5.49 0.55 14.85
CA SER C 102 4.10 0.10 14.81
C SER C 102 3.84 -0.36 16.24
N GLY C 103 2.58 -0.54 16.59
CA GLY C 103 2.31 -1.08 17.90
C GLY C 103 1.80 -0.11 18.92
N THR C 104 1.49 -0.66 20.09
CA THR C 104 0.91 0.08 21.19
C THR C 104 1.84 1.00 21.99
N ILE C 105 1.33 2.19 22.31
CA ILE C 105 2.05 3.15 23.13
C ILE C 105 1.14 3.32 24.36
N ASN C 106 1.70 3.17 25.57
CA ASN C 106 0.90 3.29 26.79
C ASN C 106 1.06 4.60 27.55
N LEU C 107 -0.08 5.19 27.91
CA LEU C 107 -0.10 6.42 28.70
C LEU C 107 -0.45 6.08 30.15
N HIS C 108 0.21 6.75 31.09
CA HIS C 108 -0.06 6.54 32.50
C HIS C 108 -0.49 7.86 33.10
N PHE C 109 -1.55 7.81 33.92
CA PHE C 109 -2.08 9.00 34.60
C PHE C 109 -2.05 8.79 36.10
N MET C 110 -1.31 9.64 36.81
CA MET C 110 -1.23 9.50 38.25
C MET C 110 -1.73 10.78 38.91
N PHE C 111 -2.83 10.65 39.66
CA PHE C 111 -3.43 11.77 40.36
C PHE C 111 -2.66 12.02 41.65
N THR C 112 -2.30 13.28 41.91
CA THR C 112 -1.52 13.60 43.10
C THR C 112 -2.26 14.49 44.09
N GLY C 113 -3.57 14.59 43.92
CA GLY C 113 -4.33 15.42 44.84
C GLY C 113 -4.41 14.89 46.25
N SER C 114 -4.88 15.73 47.17
CA SER C 114 -5.06 15.33 48.56
C SER C 114 -6.28 14.42 48.67
N THR C 115 -6.44 13.79 49.82
CA THR C 115 -7.53 12.86 50.05
C THR C 115 -8.91 13.46 49.82
N ASP C 116 -9.04 14.73 50.12
CA ASP C 116 -10.30 15.44 49.97
C ASP C 116 -10.56 15.97 48.55
N SER C 117 -9.71 15.64 47.60
CA SER C 117 -9.95 16.10 46.23
C SER C 117 -10.25 14.90 45.35
N LYS C 118 -11.27 15.07 44.52
CA LYS C 118 -11.72 14.02 43.61
C LYS C 118 -11.88 14.56 42.20
N ALA C 119 -11.79 13.66 41.24
CA ALA C 119 -11.94 14.06 39.86
C ALA C 119 -12.34 12.89 39.01
N ARG C 120 -12.86 13.20 37.84
CA ARG C 120 -13.25 12.18 36.90
C ARG C 120 -12.68 12.67 35.57
N TYR C 121 -11.91 11.80 34.94
CA TYR C 121 -11.25 12.14 33.69
C TYR C 121 -11.63 11.25 32.53
N MET C 122 -11.26 11.71 31.34
CA MET C 122 -11.50 10.96 30.11
C MET C 122 -10.34 11.14 29.16
N VAL C 123 -9.94 10.04 28.53
CA VAL C 123 -8.88 10.10 27.55
C VAL C 123 -9.46 9.51 26.28
N ALA C 124 -9.22 10.15 25.16
CA ALA C 124 -9.75 9.65 23.90
C ALA C 124 -8.71 9.64 22.81
N TYR C 125 -8.77 8.61 21.96
CA TYR C 125 -7.86 8.53 20.83
C TYR C 125 -8.67 8.99 19.64
N VAL C 126 -8.24 10.08 19.01
CA VAL C 126 -8.92 10.65 17.85
C VAL C 126 -8.11 10.33 16.60
N PRO C 127 -8.61 9.47 15.73
CA PRO C 127 -7.87 9.12 14.53
C PRO C 127 -7.86 10.26 13.53
N PRO C 128 -7.03 10.14 12.49
CA PRO C 128 -6.98 11.20 11.47
C PRO C 128 -8.27 11.17 10.68
N GLY C 129 -8.72 12.33 10.21
CA GLY C 129 -9.98 12.32 9.49
C GLY C 129 -10.83 13.51 9.84
N VAL C 130 -10.42 14.28 10.83
CA VAL C 130 -11.16 15.47 11.20
C VAL C 130 -10.23 16.65 11.22
N GLU C 131 -10.80 17.81 10.95
CA GLU C 131 -10.05 19.05 10.90
C GLU C 131 -9.34 19.38 12.19
N THR C 132 -10.13 19.48 13.25
CA THR C 132 -9.63 19.82 14.57
C THR C 132 -10.09 18.79 15.60
N PRO C 133 -9.35 18.68 16.71
CA PRO C 133 -9.71 17.73 17.75
C PRO C 133 -10.97 18.17 18.46
N PRO C 134 -11.73 17.22 19.01
CA PRO C 134 -12.95 17.62 19.71
C PRO C 134 -12.63 18.38 20.98
N ASP C 135 -13.36 19.47 21.21
CA ASP C 135 -13.14 20.30 22.39
C ASP C 135 -13.97 19.88 23.61
N THR C 136 -14.93 18.98 23.43
CA THR C 136 -15.75 18.52 24.56
C THR C 136 -15.77 17.02 24.68
N PRO C 137 -16.00 16.51 25.91
CA PRO C 137 -16.06 15.07 26.14
C PRO C 137 -17.20 14.46 25.32
N GLU C 138 -18.27 15.23 25.14
CA GLU C 138 -19.43 14.76 24.40
C GLU C 138 -19.12 14.46 22.97
N LYS C 139 -18.34 15.30 22.30
CA LYS C 139 -18.03 15.03 20.91
C LYS C 139 -17.03 13.89 20.83
N ALA C 140 -16.10 13.88 21.79
CA ALA C 140 -15.07 12.86 21.82
C ALA C 140 -15.57 11.50 22.25
N ALA C 141 -16.75 11.42 22.85
CA ALA C 141 -17.27 10.13 23.32
C ALA C 141 -17.41 9.12 22.21
N HIS C 142 -17.57 9.61 21.00
CA HIS C 142 -17.76 8.72 19.86
C HIS C 142 -16.52 8.05 19.37
N CYS C 143 -15.38 8.43 19.95
CA CYS C 143 -14.10 7.82 19.64
C CYS C 143 -13.81 6.72 20.65
N ILE C 144 -12.72 6.00 20.41
CA ILE C 144 -12.24 5.00 21.36
C ILE C 144 -11.85 5.84 22.61
N HIS C 145 -12.32 5.45 23.80
CA HIS C 145 -12.00 6.25 24.97
C HIS C 145 -12.23 5.54 26.27
N ALA C 146 -11.65 6.08 27.32
CA ALA C 146 -11.79 5.55 28.66
C ALA C 146 -12.04 6.70 29.62
N GLU C 147 -12.86 6.42 30.62
CA GLU C 147 -13.19 7.41 31.64
C GLU C 147 -12.85 6.76 33.01
N TRP C 148 -12.36 7.56 33.96
CA TRP C 148 -12.06 6.99 35.27
C TRP C 148 -12.12 8.05 36.33
N ASP C 149 -12.33 7.63 37.57
CA ASP C 149 -12.34 8.60 38.64
C ASP C 149 -11.19 8.31 39.62
N THR C 150 -10.88 9.28 40.47
CA THR C 150 -9.81 9.12 41.43
C THR C 150 -10.30 8.36 42.65
N GLY C 151 -9.39 7.66 43.29
CA GLY C 151 -9.73 6.90 44.47
C GLY C 151 -8.47 6.35 45.12
N LEU C 152 -8.60 5.18 45.72
CA LEU C 152 -7.48 4.53 46.39
C LEU C 152 -6.30 4.28 45.47
N ASN C 153 -6.58 3.82 44.24
CA ASN C 153 -5.54 3.57 43.24
C ASN C 153 -5.34 4.91 42.51
N SER C 154 -4.13 5.42 42.57
CA SER C 154 -3.84 6.72 42.00
C SER C 154 -3.51 6.73 40.51
N LYS C 155 -3.21 5.55 39.97
CA LYS C 155 -2.80 5.45 38.59
C LYS C 155 -3.73 4.70 37.65
N PHE C 156 -3.90 5.25 36.47
CA PHE C 156 -4.71 4.66 35.42
C PHE C 156 -3.81 4.60 34.18
N THR C 157 -3.82 3.47 33.49
CA THR C 157 -2.99 3.29 32.28
C THR C 157 -3.91 2.98 31.13
N PHE C 158 -3.65 3.62 29.99
CA PHE C 158 -4.47 3.45 28.80
C PHE C 158 -3.60 3.21 27.56
N SER C 159 -3.97 2.23 26.74
CA SER C 159 -3.21 1.92 25.52
C SER C 159 -3.66 2.75 24.32
N ILE C 160 -2.73 3.48 23.69
CA ILE C 160 -3.06 4.21 22.47
C ILE C 160 -2.84 3.15 21.38
N PRO C 161 -3.91 2.76 20.70
CA PRO C 161 -3.81 1.73 19.67
C PRO C 161 -3.17 2.17 18.37
N TYR C 162 -2.50 1.24 17.73
CA TYR C 162 -1.93 1.51 16.43
C TYR C 162 -3.05 1.24 15.42
N VAL C 163 -3.59 2.30 14.82
CA VAL C 163 -4.64 2.19 13.81
C VAL C 163 -4.15 3.08 12.67
N SER C 164 -3.84 2.47 11.54
CA SER C 164 -3.29 3.20 10.42
C SER C 164 -3.54 2.46 9.12
N ALA C 165 -3.31 3.13 8.00
CA ALA C 165 -3.51 2.48 6.72
C ALA C 165 -2.35 1.52 6.45
N ALA C 166 -1.12 1.98 6.65
CA ALA C 166 0.06 1.15 6.40
C ALA C 166 0.39 0.35 7.64
N ASP C 167 1.22 -0.65 7.47
CA ASP C 167 1.60 -1.53 8.57
C ASP C 167 2.63 -0.91 9.50
N TYR C 168 3.30 0.13 9.04
CA TYR C 168 4.27 0.84 9.85
C TYR C 168 4.04 2.32 9.62
N ALA C 169 4.50 3.13 10.56
CA ALA C 169 4.38 4.58 10.44
C ALA C 169 5.76 5.16 10.65
N TYR C 170 5.98 6.35 10.14
CA TYR C 170 7.27 6.99 10.29
C TYR C 170 7.42 7.58 11.70
N THR C 171 8.60 7.52 12.28
CA THR C 171 8.82 8.08 13.59
C THR C 171 8.97 9.59 13.52
N ALA C 172 9.54 10.08 12.44
CA ALA C 172 9.74 11.52 12.27
C ALA C 172 8.51 12.10 11.57
N SER C 173 8.38 13.41 11.60
CA SER C 173 7.25 14.07 10.98
C SER C 173 7.79 15.05 9.91
N ASP C 174 7.15 15.05 8.76
CA ASP C 174 7.61 15.90 7.68
C ASP C 174 7.06 17.31 7.75
N VAL C 175 7.86 18.24 7.24
CA VAL C 175 7.53 19.67 7.19
C VAL C 175 6.23 19.95 6.43
N ALA C 176 5.92 19.08 5.47
CA ALA C 176 4.72 19.20 4.65
C ALA C 176 3.46 18.81 5.39
N GLU C 177 3.55 17.85 6.32
CA GLU C 177 2.33 17.47 7.02
C GLU C 177 1.92 18.50 8.08
N THR C 178 0.80 19.17 7.80
CA THR C 178 0.21 20.20 8.66
C THR C 178 -0.53 19.58 9.86
N THR C 179 -1.56 18.78 9.57
CA THR C 179 -2.34 18.09 10.62
C THR C 179 -1.65 16.74 10.86
N ASN C 180 -1.55 16.28 12.11
CA ASN C 180 -0.83 15.02 12.34
C ASN C 180 -1.41 13.78 11.66
N VAL C 181 -0.50 13.00 11.08
CA VAL C 181 -0.86 11.81 10.38
C VAL C 181 -1.42 10.67 11.22
N GLN C 182 -0.94 10.45 12.46
CA GLN C 182 -1.57 9.38 13.27
C GLN C 182 -2.70 9.78 14.20
N GLY C 183 -3.16 11.03 14.14
CA GLY C 183 -4.23 11.44 15.02
C GLY C 183 -3.82 12.12 16.31
N TRP C 184 -4.76 12.22 17.24
CA TRP C 184 -4.52 12.90 18.50
C TRP C 184 -4.96 12.15 19.71
N VAL C 185 -4.43 12.57 20.85
CA VAL C 185 -4.86 12.05 22.12
C VAL C 185 -5.43 13.30 22.82
N CYS C 186 -6.63 13.19 23.36
CA CYS C 186 -7.25 14.31 24.06
C CYS C 186 -7.56 13.89 25.49
N ILE C 187 -7.13 14.71 26.43
CA ILE C 187 -7.37 14.44 27.84
C ILE C 187 -8.37 15.47 28.37
N TYR C 188 -9.48 14.98 28.92
CA TYR C 188 -10.51 15.85 29.46
C TYR C 188 -10.75 15.64 30.93
N GLN C 189 -11.30 16.67 31.54
CA GLN C 189 -11.71 16.58 32.91
C GLN C 189 -13.24 16.61 32.80
N ILE C 190 -13.93 15.55 33.22
CA ILE C 190 -15.39 15.54 33.18
C ILE C 190 -15.87 16.55 34.23
N THR C 191 -15.34 16.42 35.44
CA THR C 191 -15.64 17.35 36.50
C THR C 191 -14.76 17.01 37.69
N HIS C 192 -14.72 17.88 38.68
CA HIS C 192 -13.95 17.57 39.86
C HIS C 192 -14.61 18.11 41.10
N GLY C 193 -14.13 17.65 42.25
CA GLY C 193 -14.66 18.11 43.52
C GLY C 193 -13.50 18.60 44.36
N LYS C 194 -13.40 19.92 44.51
CA LYS C 194 -12.36 20.52 45.35
C LYS C 194 -10.95 20.13 44.88
N ALA C 195 -10.73 20.06 43.57
CA ALA C 195 -9.43 19.69 43.00
C ALA C 195 -8.69 20.81 42.26
N GLU C 196 -8.98 22.06 42.63
CA GLU C 196 -8.42 23.24 41.98
C GLU C 196 -6.94 23.34 41.86
N GLN C 197 -6.21 22.85 42.84
CA GLN C 197 -4.78 22.97 42.68
C GLN C 197 -4.11 21.63 42.54
N ASP C 198 -4.92 20.60 42.31
CA ASP C 198 -4.37 19.27 42.23
C ASP C 198 -4.10 18.79 40.83
N THR C 199 -2.98 18.09 40.67
CA THR C 199 -2.53 17.68 39.36
C THR C 199 -2.61 16.22 39.00
N LEU C 200 -2.56 15.99 37.69
CA LEU C 200 -2.57 14.67 37.07
C LEU C 200 -1.24 14.56 36.29
N VAL C 201 -0.33 13.71 36.80
CA VAL C 201 0.97 13.48 36.21
C VAL C 201 0.83 12.46 35.09
N VAL C 202 1.39 12.78 33.92
CA VAL C 202 1.28 11.90 32.78
C VAL C 202 2.63 11.39 32.28
N SER C 203 2.74 10.09 32.06
CA SER C 203 3.99 9.50 31.59
C SER C 203 3.67 8.51 30.48
N VAL C 204 4.70 8.05 29.77
CA VAL C 204 4.50 7.16 28.65
C VAL C 204 5.52 6.02 28.61
N SER C 205 5.05 4.85 28.20
CA SER C 205 5.91 3.68 28.04
C SER C 205 5.52 2.94 26.76
N ALA C 206 6.35 2.01 26.35
CA ALA C 206 6.08 1.21 25.17
C ALA C 206 5.13 0.07 25.54
N GLY C 207 4.19 -0.28 24.65
CA GLY C 207 3.26 -1.37 24.88
C GLY C 207 3.87 -2.70 24.49
N LYS C 208 3.15 -3.80 24.73
CA LYS C 208 3.67 -5.12 24.43
C LYS C 208 4.03 -5.39 22.98
N ASP C 209 3.26 -4.87 22.02
CA ASP C 209 3.61 -5.10 20.63
C ASP C 209 4.28 -3.89 19.98
N PHE C 210 4.80 -2.97 20.77
CA PHE C 210 5.45 -1.81 20.22
C PHE C 210 6.73 -2.27 19.57
N GLU C 211 7.01 -1.76 18.36
CA GLU C 211 8.20 -2.18 17.65
C GLU C 211 8.83 -1.04 16.88
N LEU C 212 10.16 -1.02 16.84
CA LEU C 212 10.93 -0.01 16.11
C LEU C 212 11.83 -0.76 15.14
N ARG C 213 11.95 -0.25 13.92
CA ARG C 213 12.79 -0.89 12.92
C ARG C 213 13.48 0.10 12.04
N LEU C 214 14.59 -0.36 11.45
CA LEU C 214 15.42 0.41 10.51
C LEU C 214 16.23 1.51 11.18
N PRO C 215 17.35 1.14 11.81
CA PRO C 215 18.25 2.06 12.51
C PRO C 215 18.74 3.19 11.60
N ILE C 216 18.78 4.41 12.12
CA ILE C 216 19.27 5.57 11.39
C ILE C 216 20.06 6.46 12.34
N ASP C 217 20.92 7.29 11.76
CA ASP C 217 21.79 8.20 12.51
C ASP C 217 21.46 9.57 11.90
N PRO C 218 20.41 10.22 12.41
CA PRO C 218 19.90 11.53 11.98
C PRO C 218 20.33 12.84 12.57
N ARG C 219 20.88 12.84 13.78
CA ARG C 219 21.24 14.08 14.43
C ARG C 219 22.41 14.80 13.82
N SER C 220 22.38 16.11 13.90
CA SER C 220 23.44 16.96 13.36
C SER C 220 24.71 16.72 14.18
N GLN C 221 25.77 16.34 13.48
CA GLN C 221 27.07 16.04 14.08
C GLN C 221 28.22 16.71 13.34
N SER D 15 16.31 -19.16 -8.28
CA SER D 15 15.12 -18.27 -8.15
C SER D 15 14.84 -17.51 -9.45
N GLY D 16 15.74 -16.60 -9.84
CA GLY D 16 15.58 -15.83 -11.05
C GLY D 16 16.87 -15.12 -11.38
N ASN D 17 17.46 -15.43 -12.52
CA ASN D 17 18.76 -14.91 -13.01
C ASN D 17 19.93 -14.91 -12.00
N THR D 18 20.13 -16.05 -11.36
CA THR D 18 21.21 -16.28 -10.42
C THR D 18 21.68 -17.68 -10.79
N GLY D 19 22.97 -17.85 -10.99
CA GLY D 19 23.44 -19.15 -11.40
C GLY D 19 24.68 -19.70 -10.74
N SER D 20 24.83 -19.48 -9.43
CA SER D 20 25.99 -20.01 -8.70
C SER D 20 25.57 -21.37 -8.16
N ILE D 21 26.47 -22.35 -8.30
CA ILE D 21 26.21 -23.70 -7.80
C ILE D 21 26.43 -23.66 -6.30
N ILE D 22 27.25 -22.72 -5.86
CA ILE D 22 27.59 -22.58 -4.47
C ILE D 22 26.77 -21.60 -3.66
N ASN D 23 26.45 -22.02 -2.43
CA ASN D 23 25.67 -21.23 -1.47
C ASN D 23 26.27 -19.84 -1.36
N ASN D 24 25.45 -18.90 -0.91
CA ASN D 24 25.91 -17.54 -0.73
C ASN D 24 26.73 -17.50 0.57
N TYR D 25 27.80 -16.70 0.58
CA TYR D 25 28.68 -16.57 1.74
C TYR D 25 27.97 -15.92 2.94
N TYR D 26 26.95 -15.12 2.65
CA TYR D 26 26.18 -14.41 3.67
C TYR D 26 24.83 -15.06 3.99
N MET D 27 24.37 -14.91 5.23
CA MET D 27 23.11 -15.46 5.66
C MET D 27 21.96 -14.81 4.91
N GLN D 28 20.89 -15.58 4.71
CA GLN D 28 19.72 -15.07 4.01
C GLN D 28 19.10 -13.82 4.68
N GLN D 29 19.20 -13.73 6.01
CA GLN D 29 18.69 -12.63 6.83
C GLN D 29 19.42 -11.34 6.53
N TYR D 30 20.56 -11.47 5.87
CA TYR D 30 21.32 -10.32 5.47
C TYR D 30 21.20 -10.05 3.98
N GLN D 31 21.22 -11.12 3.18
CA GLN D 31 21.13 -10.97 1.73
C GLN D 31 19.82 -10.35 1.25
N ASN D 32 18.72 -10.79 1.86
CA ASN D 32 17.41 -10.27 1.51
C ASN D 32 16.56 -9.88 2.69
N SER D 33 15.48 -9.20 2.39
CA SER D 33 14.52 -8.84 3.40
C SER D 33 13.79 -10.17 3.65
N MET D 34 13.13 -10.26 4.79
CA MET D 34 12.40 -11.45 5.10
C MET D 34 10.91 -11.26 5.18
N ASP D 35 10.21 -12.16 4.49
CA ASP D 35 8.78 -12.13 4.39
C ASP D 35 8.08 -12.70 5.62
N THR D 36 6.93 -12.12 5.95
CA THR D 36 6.14 -12.59 7.07
C THR D 36 4.78 -13.03 6.49
N GLN D 37 4.02 -13.83 7.26
CA GLN D 37 2.73 -14.30 6.77
C GLN D 37 1.58 -13.88 7.66
N LEU D 38 0.34 -13.99 7.16
CA LEU D 38 -0.81 -13.66 7.95
C LEU D 38 -1.62 -14.91 8.29
N ASN D 65 -1.02 -19.23 -5.32
CA ASN D 65 -1.57 -17.87 -5.38
C ASN D 65 -1.32 -17.18 -6.73
N ASP D 66 -1.11 -17.94 -7.79
CA ASP D 66 -0.85 -17.37 -9.10
C ASP D 66 -2.17 -17.27 -9.91
N TRP D 67 -2.83 -16.12 -9.82
CA TRP D 67 -4.09 -15.90 -10.50
C TRP D 67 -4.07 -16.07 -12.03
N PHE D 68 -3.08 -15.48 -12.71
CA PHE D 68 -3.05 -15.60 -14.16
C PHE D 68 -2.69 -16.97 -14.69
N SER D 69 -1.99 -17.75 -13.88
CA SER D 69 -1.66 -19.10 -14.27
C SER D 69 -3.00 -19.87 -14.27
N LYS D 70 -3.78 -19.71 -13.20
CA LYS D 70 -5.07 -20.38 -13.11
C LYS D 70 -5.99 -19.89 -14.22
N LEU D 71 -6.02 -18.58 -14.46
CA LEU D 71 -6.88 -18.03 -15.49
C LEU D 71 -6.54 -18.65 -16.85
N ALA D 72 -5.26 -18.68 -17.18
CA ALA D 72 -4.83 -19.25 -18.45
C ALA D 72 -5.14 -20.74 -18.57
N SER D 73 -4.88 -21.48 -17.51
CA SER D 73 -5.12 -22.93 -17.49
C SER D 73 -6.59 -23.30 -17.58
N SER D 74 -7.46 -22.35 -17.24
CA SER D 74 -8.88 -22.58 -17.25
C SER D 74 -9.50 -22.35 -18.63
N ALA D 75 -8.71 -21.84 -19.58
CA ALA D 75 -9.24 -21.55 -20.92
C ALA D 75 -9.91 -22.74 -21.63
N PHE D 76 -10.98 -22.45 -22.38
CA PHE D 76 -11.69 -23.47 -23.15
C PHE D 76 -10.80 -23.80 -24.37
N SER D 77 -10.89 -25.04 -24.85
CA SER D 77 -10.12 -25.51 -26.01
C SER D 77 -11.00 -26.38 -26.88
N GLY D 78 -10.51 -26.72 -28.07
CA GLY D 78 -11.31 -27.57 -28.95
C GLY D 78 -12.49 -26.93 -29.64
N LEU D 79 -13.58 -27.68 -29.74
CA LEU D 79 -14.78 -27.20 -30.41
C LEU D 79 -16.00 -27.18 -29.47
N PHE D 80 -16.99 -26.37 -29.82
CA PHE D 80 -18.27 -26.30 -29.09
C PHE D 80 -19.21 -26.96 -30.15
N GLY D 81 -20.14 -27.83 -29.71
CA GLY D 81 -21.05 -28.49 -30.64
C GLY D 81 -20.53 -29.73 -31.36
N ALA D 82 -21.36 -30.30 -32.25
CA ALA D 82 -21.04 -31.51 -33.04
C ALA D 82 -19.93 -31.41 -34.12
N LEU D 83 -19.14 -32.47 -34.25
CA LEU D 83 -18.08 -32.48 -35.24
C LEU D 83 -18.26 -33.60 -36.28
N LEU D 84 -18.04 -33.26 -37.55
CA LEU D 84 -18.10 -34.21 -38.66
C LEU D 84 -16.66 -34.12 -39.27
N ALA D 85 -15.74 -34.93 -38.75
CA ALA D 85 -14.36 -34.89 -39.24
C ALA D 85 -14.14 -35.94 -40.32
#